data_2OA1
#
_entry.id   2OA1
#
_cell.length_a   114.492
_cell.length_b   114.492
_cell.length_c   231.935
_cell.angle_alpha   90.00
_cell.angle_beta   90.00
_cell.angle_gamma   120.00
#
_symmetry.space_group_name_H-M   'P 62'
#
loop_
_entity.id
_entity.type
_entity.pdbx_description
1 polymer 'Tryptophan halogenase'
2 non-polymer 'CHLORIDE ION'
3 non-polymer TRYPTOPHAN
4 non-polymer 'FLAVIN-ADENINE DINUCLEOTIDE'
5 non-polymer ADENOSINE
6 water water
#
_entity_poly.entity_id   1
_entity_poly.type   'polypeptide(L)'
_entity_poly.pdbx_seq_one_letter_code
;MGSSHHHHHHSSGLVPRGSHMSGKIDKILIVGGGTAGWMAASYLGKALQGTADITLLQAPDIPTLGVGEATIPNLQTAFF
DFLGIPEDEWMRECNASYKVAIKFINWRTAGEGTSEARELDGGPDHFYHSFGLLKYHEQIPLSHYWFDRSYRGKTVEPFD
YACYKEPVILDANRSPRRLDGSKVTNYAWHFDAHLVADFLRRFATEKLGVRHVEDRVEHVQRDANGNIESVRTATGRVFD
ADLFVDCSGFRGLLINKAMEEPFLDMSDHLLNDSAVATQVPHDDDANGVEPFTSAIAMKSGWTWKIPMLGRFGTGYVYSS
RFATEDEAVREFCEMWHLDPETQPLNRIRFRVGRNRRAWVGNCVSIGTSSCFVEPLESTGIYFVYAALYQLVKHFPDKSL
NPVLTARFNREIETMFDDTRDFIQAHFYFSPRTDTPFWRANKELRLADGMQEKIDMYRAGMAINAPASDDAQLYYGNFEE
EFRNFWNNSNYYCVLAGLGLVPDAPSPRLAHMPQATESVDEVFGAVKDRQRNLLETLPSLHEFLRQQHGR
;
_entity_poly.pdbx_strand_id   A,B
#
# COMPACT_ATOMS: atom_id res chain seq x y z
N SER A 22 -0.84 -34.74 -5.45
CA SER A 22 -1.15 -33.63 -4.48
C SER A 22 -1.70 -34.21 -3.14
N GLY A 23 -2.79 -33.60 -2.65
CA GLY A 23 -3.26 -33.75 -1.29
C GLY A 23 -2.76 -32.59 -0.43
N LYS A 24 -3.51 -32.26 0.63
CA LYS A 24 -3.11 -31.22 1.54
C LYS A 24 -1.86 -31.65 2.33
N ILE A 25 -1.14 -30.67 2.90
CA ILE A 25 -0.16 -30.92 3.95
C ILE A 25 -0.84 -31.67 5.13
N ASP A 26 -0.39 -32.86 5.47
CA ASP A 26 -0.95 -33.56 6.65
C ASP A 26 -0.08 -33.48 7.92
N LYS A 27 1.23 -33.38 7.72
CA LYS A 27 2.19 -33.46 8.82
C LYS A 27 3.20 -32.33 8.69
N ILE A 28 3.40 -31.61 9.79
CA ILE A 28 4.39 -30.55 9.86
C ILE A 28 5.38 -30.87 10.99
N LEU A 29 6.67 -30.76 10.68
CA LEU A 29 7.71 -30.90 11.69
C LEU A 29 8.42 -29.55 11.88
N ILE A 30 8.38 -29.03 13.12
CA ILE A 30 9.10 -27.82 13.49
C ILE A 30 10.38 -28.28 14.21
N VAL A 31 11.54 -27.84 13.72
CA VAL A 31 12.80 -28.16 14.38
C VAL A 31 13.25 -26.92 15.13
N GLY A 32 13.39 -27.03 16.45
CA GLY A 32 13.77 -25.90 17.29
C GLY A 32 12.64 -25.42 18.16
N GLY A 33 12.93 -25.28 19.45
CA GLY A 33 12.01 -24.73 20.43
C GLY A 33 12.35 -23.26 20.60
N GLY A 34 12.54 -22.78 21.81
CA GLY A 34 12.75 -21.32 21.88
C GLY A 34 11.59 -20.52 21.32
N THR A 35 11.78 -19.21 21.22
CA THR A 35 10.66 -18.32 20.90
C THR A 35 10.05 -18.55 19.50
N ALA A 36 10.91 -18.64 18.48
CA ALA A 36 10.45 -18.83 17.10
C ALA A 36 9.68 -20.14 16.91
N GLY A 37 10.22 -21.25 17.40
CA GLY A 37 9.57 -22.56 17.34
C GLY A 37 8.21 -22.62 18.03
N TRP A 38 8.11 -22.13 19.26
CA TRP A 38 6.84 -22.16 20.01
C TRP A 38 5.78 -21.18 19.44
N MET A 39 6.25 -20.07 18.86
CA MET A 39 5.36 -19.21 18.07
C MET A 39 4.85 -19.91 16.78
N ALA A 40 5.74 -20.62 16.08
CA ALA A 40 5.36 -21.35 14.87
C ALA A 40 4.34 -22.42 15.25
N ALA A 41 4.60 -23.13 16.36
CA ALA A 41 3.73 -24.21 16.82
C ALA A 41 2.33 -23.69 17.16
N SER A 42 2.29 -22.60 17.91
CA SER A 42 1.06 -21.94 18.32
C SER A 42 0.31 -21.37 17.13
N TYR A 43 0.98 -20.58 16.30
CA TYR A 43 0.36 -19.96 15.13
C TYR A 43 -0.17 -20.99 14.11
N LEU A 44 0.67 -21.96 13.73
CA LEU A 44 0.21 -23.00 12.80
C LEU A 44 -0.82 -23.91 13.44
N GLY A 45 -0.63 -24.26 14.72
CA GLY A 45 -1.58 -25.05 15.48
C GLY A 45 -2.95 -24.40 15.48
N LYS A 46 -3.00 -23.07 15.59
CA LYS A 46 -4.25 -22.35 15.60
C LYS A 46 -4.81 -22.29 14.17
N ALA A 47 -3.98 -21.89 13.21
CA ALA A 47 -4.42 -21.60 11.85
C ALA A 47 -4.91 -22.83 11.10
N LEU A 48 -4.32 -23.97 11.40
CA LEU A 48 -4.65 -25.20 10.72
C LEU A 48 -5.39 -26.18 11.62
N GLN A 49 -5.85 -25.72 12.79
CA GLN A 49 -6.39 -26.62 13.83
C GLN A 49 -7.27 -27.77 13.27
N GLY A 50 -6.87 -29.00 13.59
CA GLY A 50 -7.64 -30.19 13.27
C GLY A 50 -7.47 -30.66 11.85
N THR A 51 -6.55 -30.03 11.11
CA THR A 51 -6.33 -30.42 9.71
C THR A 51 -4.81 -30.63 9.41
N ALA A 52 -3.98 -30.57 10.43
CA ALA A 52 -2.56 -30.91 10.29
C ALA A 52 -2.02 -31.46 11.60
N ASP A 53 -1.16 -32.47 11.51
CA ASP A 53 -0.47 -32.99 12.67
C ASP A 53 0.89 -32.29 12.80
N ILE A 54 1.10 -31.63 13.93
CA ILE A 54 2.31 -30.84 14.16
C ILE A 54 3.15 -31.43 15.32
N THR A 55 4.42 -31.66 15.04
CA THR A 55 5.41 -32.08 16.05
C THR A 55 6.48 -31.00 16.13
N LEU A 56 6.87 -30.65 17.35
CA LEU A 56 8.00 -29.78 17.54
C LEU A 56 9.11 -30.61 18.17
N LEU A 57 10.29 -30.54 17.57
CA LEU A 57 11.45 -31.31 18.03
C LEU A 57 12.52 -30.32 18.48
N GLN A 58 13.03 -30.49 19.70
CA GLN A 58 14.05 -29.57 20.24
C GLN A 58 15.00 -30.22 21.23
N ALA A 59 16.28 -29.89 21.11
CA ALA A 59 17.32 -30.44 21.98
C ALA A 59 17.41 -29.60 23.26
N PRO A 60 17.22 -30.24 24.43
CA PRO A 60 17.57 -29.54 25.67
C PRO A 60 19.05 -29.11 25.65
N ASP A 61 19.32 -27.83 25.81
CA ASP A 61 20.71 -27.32 25.73
C ASP A 61 20.95 -26.14 26.72
N ILE A 62 22.21 -25.78 26.96
CA ILE A 62 22.54 -24.74 27.96
C ILE A 62 21.65 -23.49 27.77
N PRO A 63 20.89 -23.13 28.84
CA PRO A 63 20.01 -21.97 28.74
C PRO A 63 20.79 -20.67 28.98
N THR A 64 20.25 -19.56 28.46
CA THR A 64 20.92 -18.27 28.62
C THR A 64 20.24 -17.37 29.67
N LEU A 65 20.93 -16.29 30.08
CA LEU A 65 20.33 -15.25 30.91
C LEU A 65 19.16 -14.60 30.19
N GLY A 66 18.16 -14.17 30.94
CA GLY A 66 17.03 -13.45 30.36
C GLY A 66 17.37 -11.97 30.19
N VAL A 67 17.85 -11.61 28.99
CA VAL A 67 18.38 -10.26 28.72
C VAL A 67 17.30 -9.28 28.22
N GLY A 68 16.08 -9.82 28.05
CA GLY A 68 14.89 -8.99 27.83
C GLY A 68 14.69 -8.74 26.36
N GLU A 69 13.41 -8.69 25.96
CA GLU A 69 13.01 -8.39 24.60
C GLU A 69 11.99 -7.26 24.64
N ALA A 70 12.13 -6.34 23.69
CA ALA A 70 11.20 -5.25 23.47
C ALA A 70 10.39 -5.60 22.21
N THR A 71 9.17 -5.10 22.13
CA THR A 71 8.25 -5.49 21.09
C THR A 71 7.49 -4.26 20.58
N ILE A 72 6.52 -4.50 19.68
CA ILE A 72 5.73 -3.45 19.03
C ILE A 72 4.25 -3.83 19.12
N PRO A 73 3.34 -2.84 19.03
CA PRO A 73 1.90 -3.09 19.34
C PRO A 73 1.22 -4.24 18.61
N ASN A 74 1.68 -4.55 17.39
CA ASN A 74 0.98 -5.59 16.62
C ASN A 74 1.23 -7.01 17.13
N LEU A 75 2.07 -7.14 18.18
CA LEU A 75 2.19 -8.41 18.90
C LEU A 75 0.83 -8.86 19.46
N GLN A 76 0.07 -7.93 20.04
CA GLN A 76 -1.24 -8.28 20.53
C GLN A 76 -2.21 -8.52 19.38
N THR A 77 -2.24 -7.62 18.42
CA THR A 77 -3.30 -7.67 17.41
C THR A 77 -3.05 -8.75 16.35
N ALA A 78 -1.81 -8.90 15.89
CA ALA A 78 -1.42 -9.93 14.89
C ALA A 78 -1.11 -11.31 15.46
N PHE A 79 -0.69 -11.38 16.70
CA PHE A 79 -0.25 -12.66 17.24
C PHE A 79 -1.15 -13.19 18.38
N PHE A 80 -1.14 -12.55 19.55
CA PHE A 80 -1.91 -13.11 20.64
C PHE A 80 -3.41 -13.07 20.36
N ASP A 81 -3.89 -12.06 19.65
CA ASP A 81 -5.33 -12.00 19.30
C ASP A 81 -5.67 -13.11 18.30
N PHE A 82 -4.74 -13.41 17.40
CA PHE A 82 -4.94 -14.54 16.50
C PHE A 82 -5.09 -15.86 17.26
N LEU A 83 -4.30 -16.04 18.33
CA LEU A 83 -4.36 -17.25 19.14
C LEU A 83 -5.58 -17.26 20.05
N GLY A 84 -6.22 -16.10 20.20
CA GLY A 84 -7.36 -16.00 21.10
C GLY A 84 -6.93 -15.77 22.55
N ILE A 85 -5.74 -15.22 22.74
CA ILE A 85 -5.20 -15.06 24.10
C ILE A 85 -5.20 -13.58 24.54
N PRO A 86 -6.06 -13.24 25.53
CA PRO A 86 -6.11 -11.82 25.95
C PRO A 86 -4.78 -11.32 26.53
N GLU A 87 -4.53 -10.03 26.36
CA GLU A 87 -3.30 -9.42 26.81
C GLU A 87 -3.05 -9.69 28.29
N ASP A 88 -4.09 -9.53 29.11
CA ASP A 88 -4.01 -9.78 30.55
C ASP A 88 -3.40 -11.14 30.90
N GLU A 89 -3.92 -12.18 30.25
CA GLU A 89 -3.50 -13.55 30.49
C GLU A 89 -1.99 -13.74 30.25
N TRP A 90 -1.54 -13.50 29.01
CA TRP A 90 -0.12 -13.68 28.71
C TRP A 90 0.84 -12.72 29.43
N MET A 91 0.48 -11.45 29.57
CA MET A 91 1.40 -10.48 30.13
C MET A 91 1.69 -10.74 31.61
N ARG A 92 0.69 -11.23 32.35
CA ARG A 92 0.87 -11.63 33.75
C ARG A 92 1.69 -12.92 33.88
N GLU A 93 1.45 -13.87 33.01
CA GLU A 93 2.28 -15.06 32.95
C GLU A 93 3.76 -14.78 32.60
N CYS A 94 4.02 -13.72 31.84
CA CYS A 94 5.38 -13.42 31.39
C CYS A 94 6.02 -12.22 32.11
N ASN A 95 5.40 -11.80 33.21
CA ASN A 95 5.90 -10.70 34.05
C ASN A 95 6.30 -9.48 33.23
N ALA A 96 5.43 -9.11 32.29
CA ALA A 96 5.73 -8.06 31.32
C ALA A 96 5.57 -6.63 31.83
N SER A 97 6.36 -5.72 31.26
CA SER A 97 6.17 -4.29 31.49
C SER A 97 5.79 -3.63 30.15
N TYR A 98 5.66 -2.30 30.16
CA TYR A 98 5.17 -1.53 29.02
C TYR A 98 6.21 -0.64 28.38
N LYS A 99 6.07 -0.53 27.07
CA LYS A 99 6.98 0.19 26.22
C LYS A 99 6.13 1.17 25.41
N VAL A 100 6.47 2.45 25.48
CA VAL A 100 5.72 3.44 24.70
C VAL A 100 6.63 4.02 23.60
N ALA A 101 7.95 3.81 23.73
CA ALA A 101 8.92 4.38 22.81
C ALA A 101 10.27 3.70 22.97
N ILE A 102 11.17 4.00 22.02
CA ILE A 102 12.62 3.89 22.23
C ILE A 102 13.21 5.29 22.48
N LYS A 103 13.98 5.41 23.55
CA LYS A 103 14.62 6.66 23.91
C LYS A 103 16.06 6.54 23.48
N PHE A 104 16.43 7.32 22.47
CA PHE A 104 17.78 7.27 21.90
C PHE A 104 18.68 8.25 22.65
N ILE A 105 19.69 7.72 23.37
CA ILE A 105 20.51 8.55 24.28
C ILE A 105 21.97 8.65 23.81
N ASN A 106 22.48 9.89 23.69
CA ASN A 106 23.90 10.14 23.32
C ASN A 106 24.33 9.82 21.88
N TRP A 107 23.36 9.78 20.96
CA TRP A 107 23.65 9.50 19.55
C TRP A 107 24.22 10.72 18.78
N ARG A 108 24.20 11.90 19.42
CA ARG A 108 24.61 13.16 18.80
C ARG A 108 25.83 13.80 19.45
N THR A 109 26.34 13.20 20.53
CA THR A 109 27.42 13.78 21.32
C THR A 109 28.56 12.78 21.52
N ALA A 110 29.79 13.29 21.45
CA ALA A 110 31.02 12.52 21.62
C ALA A 110 31.20 12.08 23.06
N GLY A 111 31.81 10.91 23.23
CA GLY A 111 32.25 10.51 24.57
C GLY A 111 32.07 9.03 24.83
N GLU A 112 32.28 8.65 26.08
CA GLU A 112 32.28 7.28 26.54
C GLU A 112 30.86 6.77 26.62
N GLY A 113 30.70 5.45 26.63
CA GLY A 113 29.43 4.81 26.94
C GLY A 113 28.99 5.08 28.38
N THR A 114 27.90 5.81 28.51
CA THR A 114 27.35 6.18 29.82
C THR A 114 25.82 6.08 29.79
N SER A 115 25.23 5.72 30.93
CA SER A 115 23.77 5.65 31.04
C SER A 115 23.10 7.05 31.09
N GLU A 116 23.89 8.09 31.29
CA GLU A 116 23.36 9.45 31.46
C GLU A 116 23.50 10.27 30.21
N ALA A 117 22.42 10.92 29.81
CA ALA A 117 22.44 11.79 28.64
C ALA A 117 23.41 12.96 28.86
N ARG A 118 24.29 13.18 27.87
CA ARG A 118 25.16 14.37 27.89
C ARG A 118 24.33 15.59 27.50
N GLU A 119 24.90 16.78 27.73
CA GLU A 119 24.26 18.03 27.38
C GLU A 119 24.48 18.34 25.90
N LEU A 120 23.39 18.75 25.24
CA LEU A 120 23.42 19.21 23.86
C LEU A 120 22.42 20.37 23.69
N ASP A 121 22.91 21.55 23.31
CA ASP A 121 22.02 22.74 23.05
C ASP A 121 21.07 23.05 24.21
N GLY A 122 21.60 23.12 25.44
CA GLY A 122 20.79 23.50 26.59
C GLY A 122 19.95 22.40 27.26
N GLY A 123 19.86 21.22 26.63
CA GLY A 123 19.13 20.10 27.21
C GLY A 123 19.84 18.77 27.01
N PRO A 124 19.31 17.68 27.60
CA PRO A 124 19.90 16.33 27.50
C PRO A 124 19.90 15.78 26.07
N ASP A 125 20.93 15.02 25.71
CA ASP A 125 21.02 14.44 24.36
C ASP A 125 20.13 13.19 24.25
N HIS A 126 18.86 13.45 24.04
CA HIS A 126 17.93 12.37 23.83
C HIS A 126 16.84 12.75 22.84
N PHE A 127 16.31 11.74 22.18
CA PHE A 127 15.11 11.90 21.37
C PHE A 127 14.33 10.59 21.42
N TYR A 128 13.04 10.68 21.14
CA TYR A 128 12.18 9.52 21.20
C TYR A 128 11.68 9.09 19.83
N HIS A 129 11.62 7.76 19.67
CA HIS A 129 10.82 7.16 18.61
C HIS A 129 9.61 6.47 19.24
N SER A 130 8.46 7.14 19.20
CA SER A 130 7.23 6.66 19.80
C SER A 130 6.36 5.89 18.84
N PHE A 131 5.49 5.05 19.40
CA PHE A 131 4.42 4.42 18.63
C PHE A 131 3.34 5.40 18.16
N GLY A 132 2.60 4.95 17.16
CA GLY A 132 1.54 5.75 16.59
C GLY A 132 1.90 6.46 15.30
N LEU A 133 0.97 7.30 14.87
CA LEU A 133 1.04 8.00 13.58
C LEU A 133 0.93 9.50 13.81
N LEU A 134 1.73 10.26 13.06
CA LEU A 134 1.61 11.71 13.04
C LEU A 134 0.25 12.08 12.47
N LYS A 135 -0.38 13.08 13.08
CA LYS A 135 -1.65 13.62 12.57
C LYS A 135 -1.48 14.27 11.20
N TYR A 136 -2.43 14.05 10.30
CA TYR A 136 -2.51 14.79 9.06
C TYR A 136 -3.25 16.11 9.31
N HIS A 137 -2.70 17.21 8.81
CA HIS A 137 -3.39 18.50 8.77
C HIS A 137 -3.50 18.96 7.31
N GLU A 138 -4.72 19.13 6.81
CA GLU A 138 -4.97 19.46 5.41
C GLU A 138 -4.22 18.55 4.44
N GLN A 139 -4.29 17.23 4.69
CA GLN A 139 -3.69 16.21 3.84
C GLN A 139 -2.17 16.03 4.01
N ILE A 140 -1.57 16.80 4.93
CA ILE A 140 -0.10 16.86 5.05
C ILE A 140 0.36 16.46 6.46
N PRO A 141 1.35 15.54 6.57
CA PRO A 141 1.75 15.12 7.92
C PRO A 141 2.24 16.28 8.79
N LEU A 142 1.96 16.20 10.09
CA LEU A 142 2.36 17.25 11.03
C LEU A 142 3.85 17.60 10.97
N SER A 143 4.68 16.58 10.72
CA SER A 143 6.13 16.73 10.58
C SER A 143 6.54 17.88 9.65
N HIS A 144 5.77 18.10 8.58
CA HIS A 144 6.13 19.02 7.53
C HIS A 144 5.93 20.46 8.00
N TYR A 145 4.86 20.64 8.78
CA TYR A 145 4.53 21.91 9.37
C TYR A 145 5.51 22.25 10.46
N TRP A 146 5.90 21.24 11.27
CA TRP A 146 6.96 21.43 12.25
C TRP A 146 8.22 21.91 11.55
N PHE A 147 8.66 21.20 10.51
CA PHE A 147 9.92 21.56 9.87
C PHE A 147 9.92 22.97 9.25
N ASP A 148 8.81 23.32 8.61
CA ASP A 148 8.61 24.66 8.06
C ASP A 148 8.81 25.74 9.16
N ARG A 149 8.18 25.52 10.32
CA ARG A 149 8.28 26.42 11.45
C ARG A 149 9.72 26.49 11.97
N SER A 150 10.38 25.35 12.01
CA SER A 150 11.76 25.24 12.47
C SER A 150 12.73 25.97 11.54
N TYR A 151 12.63 25.69 10.24
CA TYR A 151 13.51 26.23 9.22
C TYR A 151 13.44 27.75 9.15
N ARG A 152 12.23 28.28 9.31
CA ARG A 152 11.96 29.72 9.25
C ARG A 152 12.18 30.38 10.62
N GLY A 153 12.67 29.60 11.58
CA GLY A 153 13.03 30.14 12.89
C GLY A 153 11.84 30.49 13.77
N LYS A 154 10.69 29.90 13.51
CA LYS A 154 9.48 30.11 14.32
C LYS A 154 9.43 29.22 15.56
N THR A 155 10.28 28.19 15.61
CA THR A 155 10.38 27.29 16.78
C THR A 155 11.82 26.78 16.91
N VAL A 156 12.25 26.51 18.12
CA VAL A 156 13.46 25.69 18.37
C VAL A 156 13.13 24.36 19.03
N GLU A 157 11.85 24.05 19.14
CA GLU A 157 11.41 22.81 19.75
C GLU A 157 11.79 21.60 18.89
N PRO A 158 12.33 20.53 19.52
CA PRO A 158 12.59 19.33 18.76
C PRO A 158 11.31 18.75 18.17
N PHE A 159 11.47 18.08 17.03
CA PHE A 159 10.40 17.38 16.35
C PHE A 159 9.53 16.50 17.27
N ASP A 160 10.17 15.67 18.09
CA ASP A 160 9.40 14.73 18.92
C ASP A 160 8.50 15.41 19.97
N TYR A 161 9.01 16.40 20.70
CA TYR A 161 8.21 17.22 21.65
C TYR A 161 7.13 18.08 20.99
N ALA A 162 7.38 18.52 19.75
CA ALA A 162 6.40 19.33 19.02
C ALA A 162 5.20 18.51 18.54
N CYS A 163 5.46 17.28 18.06
CA CYS A 163 4.49 16.54 17.27
C CYS A 163 3.84 15.37 18.01
N TYR A 164 4.45 14.99 19.14
CA TYR A 164 3.98 13.87 19.94
C TYR A 164 3.69 14.27 21.37
N LYS A 165 2.59 13.78 21.93
CA LYS A 165 2.25 13.98 23.32
C LYS A 165 3.17 13.17 24.26
N GLU A 166 3.71 12.07 23.73
CA GLU A 166 4.45 11.07 24.52
C GLU A 166 5.74 11.55 25.22
N PRO A 167 6.66 12.27 24.53
CA PRO A 167 7.94 12.58 25.19
C PRO A 167 7.85 13.18 26.60
N VAL A 168 6.87 14.07 26.81
CA VAL A 168 6.64 14.75 28.10
C VAL A 168 6.18 13.76 29.15
N ILE A 169 5.27 12.84 28.80
CA ILE A 169 4.84 11.85 29.78
C ILE A 169 5.88 10.75 30.09
N LEU A 170 6.69 10.42 29.09
CA LEU A 170 7.77 9.43 29.28
C LEU A 170 8.92 9.94 30.13
N ASP A 171 9.17 11.25 30.06
CA ASP A 171 10.16 11.94 30.89
C ASP A 171 9.79 11.80 32.36
N ALA A 172 8.49 11.73 32.63
CA ALA A 172 7.98 11.59 33.98
C ALA A 172 7.66 10.13 34.32
N ASN A 173 8.07 9.21 33.47
CA ASN A 173 7.84 7.76 33.68
C ASN A 173 6.36 7.40 33.94
N ARG A 174 5.47 8.03 33.20
CA ARG A 174 4.02 7.79 33.31
C ARG A 174 3.57 6.46 32.70
N SER A 175 2.46 5.93 33.23
CA SER A 175 1.86 4.73 32.67
C SER A 175 1.11 5.07 31.36
N PRO A 176 1.14 4.16 30.35
CA PRO A 176 0.24 4.35 29.18
C PRO A 176 -1.24 4.06 29.44
N ARG A 177 -1.55 3.46 30.60
CA ARG A 177 -2.93 3.22 31.01
C ARG A 177 -3.22 3.95 32.34
N ARG A 178 -4.41 4.56 32.44
CA ARG A 178 -4.92 5.09 33.69
C ARG A 178 -5.27 3.96 34.66
N LEU A 179 -5.38 4.26 35.95
CA LEU A 179 -5.69 3.21 36.95
C LEU A 179 -6.98 2.46 36.64
N ASP A 180 -7.95 3.17 36.06
CA ASP A 180 -9.21 2.52 35.63
C ASP A 180 -9.05 1.58 34.42
N GLY A 181 -7.84 1.48 33.89
CA GLY A 181 -7.56 0.62 32.74
C GLY A 181 -7.48 1.31 31.39
N SER A 182 -8.02 2.53 31.27
CA SER A 182 -8.12 3.18 29.96
C SER A 182 -6.76 3.57 29.36
N LYS A 183 -6.62 3.30 28.08
CA LYS A 183 -5.38 3.51 27.32
C LYS A 183 -5.31 4.95 26.83
N VAL A 184 -4.17 5.62 27.03
CA VAL A 184 -4.01 7.01 26.57
C VAL A 184 -3.01 7.13 25.42
N THR A 185 -2.34 6.04 25.11
CA THR A 185 -1.32 6.05 24.06
C THR A 185 -1.14 4.63 23.49
N ASN A 186 -0.48 4.54 22.35
CA ASN A 186 -0.09 3.25 21.78
C ASN A 186 1.11 2.71 22.53
N TYR A 187 1.08 1.42 22.82
CA TYR A 187 2.16 0.83 23.60
C TYR A 187 2.37 -0.62 23.22
N ALA A 188 3.53 -1.14 23.60
CA ALA A 188 3.89 -2.54 23.45
C ALA A 188 4.56 -3.00 24.77
N TRP A 189 5.38 -4.06 24.71
CA TRP A 189 5.77 -4.81 25.93
C TRP A 189 7.25 -5.06 26.07
N HIS A 190 7.70 -5.14 27.31
CA HIS A 190 9.02 -5.64 27.64
C HIS A 190 8.81 -6.91 28.43
N PHE A 191 9.51 -7.98 28.07
CA PHE A 191 9.46 -9.24 28.82
C PHE A 191 10.70 -10.08 28.58
N ASP A 192 10.92 -11.08 29.43
CA ASP A 192 11.91 -12.11 29.18
C ASP A 192 11.32 -13.13 28.20
N ALA A 193 11.94 -13.26 27.02
CA ALA A 193 11.42 -14.18 25.99
C ALA A 193 11.35 -15.65 26.42
N HIS A 194 12.17 -16.06 27.38
CA HIS A 194 12.09 -17.43 27.90
C HIS A 194 10.69 -17.71 28.47
N LEU A 195 10.09 -16.72 29.14
CA LEU A 195 8.76 -16.86 29.77
C LEU A 195 7.63 -16.94 28.74
N VAL A 196 7.75 -16.16 27.67
CA VAL A 196 6.79 -16.24 26.57
C VAL A 196 6.91 -17.57 25.83
N ALA A 197 8.15 -18.02 25.59
CA ALA A 197 8.34 -19.36 24.99
C ALA A 197 7.69 -20.47 25.84
N ASP A 198 7.89 -20.41 27.15
CA ASP A 198 7.30 -21.38 28.10
C ASP A 198 5.80 -21.36 28.04
N PHE A 199 5.25 -20.14 28.13
CA PHE A 199 3.83 -19.91 28.01
C PHE A 199 3.25 -20.51 26.72
N LEU A 200 3.92 -20.25 25.60
CA LEU A 200 3.47 -20.76 24.33
C LEU A 200 3.65 -22.29 24.17
N ARG A 201 4.73 -22.84 24.73
CA ARG A 201 4.87 -24.30 24.80
C ARG A 201 3.63 -24.92 25.49
N ARG A 202 3.29 -24.42 26.67
CA ARG A 202 2.13 -24.90 27.42
C ARG A 202 0.85 -24.76 26.57
N PHE A 203 0.68 -23.61 25.92
CA PHE A 203 -0.48 -23.38 25.04
C PHE A 203 -0.58 -24.34 23.83
N ALA A 204 0.46 -24.37 22.99
CA ALA A 204 0.49 -25.29 21.83
C ALA A 204 0.27 -26.77 22.25
N THR A 205 0.94 -27.24 23.29
CA THR A 205 0.86 -28.66 23.71
C THR A 205 -0.46 -29.02 24.41
N GLU A 206 -0.96 -28.13 25.26
CA GLU A 206 -2.15 -28.45 26.06
C GLU A 206 -3.43 -28.07 25.36
N LYS A 207 -3.40 -27.06 24.50
CA LYS A 207 -4.63 -26.59 23.89
C LYS A 207 -4.75 -26.81 22.40
N LEU A 208 -3.61 -27.00 21.71
CA LEU A 208 -3.64 -27.16 20.26
C LEU A 208 -3.18 -28.52 19.76
N GLY A 209 -2.86 -29.42 20.66
CA GLY A 209 -2.43 -30.78 20.28
C GLY A 209 -1.06 -30.92 19.62
N VAL A 210 -0.17 -29.95 19.77
CA VAL A 210 1.18 -30.07 19.22
C VAL A 210 1.98 -31.11 20.04
N ARG A 211 2.56 -32.09 19.34
CA ARG A 211 3.46 -33.05 19.96
C ARG A 211 4.85 -32.45 20.21
N HIS A 212 5.35 -32.60 21.43
CA HIS A 212 6.66 -32.09 21.80
C HIS A 212 7.64 -33.25 21.98
N VAL A 213 8.67 -33.29 21.15
CA VAL A 213 9.74 -34.26 21.27
C VAL A 213 11.06 -33.57 21.73
N GLU A 214 11.63 -34.04 22.84
CA GLU A 214 12.90 -33.50 23.31
C GLU A 214 14.04 -34.44 22.99
N ASP A 215 14.72 -34.12 21.88
CA ASP A 215 15.76 -34.97 21.29
C ASP A 215 16.56 -34.11 20.32
N ARG A 216 17.76 -34.58 19.98
CA ARG A 216 18.67 -33.80 19.14
C ARG A 216 18.73 -34.38 17.71
N VAL A 217 18.50 -33.54 16.69
CA VAL A 217 18.71 -33.96 15.29
C VAL A 217 20.15 -34.33 14.96
N GLU A 218 20.33 -35.51 14.39
CA GLU A 218 21.64 -36.03 14.07
C GLU A 218 21.88 -36.18 12.56
N HIS A 219 20.78 -36.34 11.82
CA HIS A 219 20.81 -36.62 10.39
C HIS A 219 19.51 -36.15 9.70
N VAL A 220 19.68 -35.49 8.56
CA VAL A 220 18.54 -35.05 7.75
C VAL A 220 18.65 -35.78 6.40
N GLN A 221 17.63 -36.56 6.09
CA GLN A 221 17.59 -37.32 4.84
C GLN A 221 16.79 -36.50 3.82
N ARG A 222 17.37 -36.25 2.66
CA ARG A 222 16.67 -35.60 1.54
C ARG A 222 16.31 -36.58 0.42
N ASP A 223 15.33 -36.24 -0.42
CA ASP A 223 14.98 -37.11 -1.54
C ASP A 223 15.69 -36.67 -2.83
N ALA A 224 15.38 -37.33 -3.95
CA ALA A 224 15.98 -37.00 -5.26
C ALA A 224 15.60 -35.61 -5.78
N ASN A 225 14.51 -35.05 -5.25
CA ASN A 225 14.19 -33.66 -5.61
C ASN A 225 14.92 -32.70 -4.74
N GLY A 226 15.63 -33.21 -3.75
CA GLY A 226 16.34 -32.34 -2.84
C GLY A 226 15.47 -31.81 -1.72
N ASN A 227 14.23 -32.28 -1.62
CA ASN A 227 13.34 -31.93 -0.49
C ASN A 227 13.67 -32.77 0.74
N ILE A 228 13.33 -32.28 1.93
CA ILE A 228 13.54 -33.05 3.15
C ILE A 228 12.53 -34.20 3.17
N GLU A 229 13.06 -35.40 3.35
CA GLU A 229 12.27 -36.60 3.53
C GLU A 229 12.03 -36.88 5.03
N SER A 230 13.09 -36.85 5.83
CA SER A 230 12.98 -37.10 7.26
C SER A 230 14.17 -36.55 8.06
N VAL A 231 13.98 -36.57 9.37
CA VAL A 231 14.96 -36.17 10.33
C VAL A 231 15.15 -37.38 11.28
N ARG A 232 16.41 -37.72 11.59
CA ARG A 232 16.70 -38.79 12.53
C ARG A 232 17.42 -38.17 13.70
N THR A 233 17.04 -38.57 14.91
CA THR A 233 17.59 -37.97 16.15
C THR A 233 18.71 -38.82 16.73
N ALA A 234 19.43 -38.24 17.71
CA ALA A 234 20.47 -38.94 18.46
C ALA A 234 20.00 -40.28 19.05
N THR A 235 18.72 -40.37 19.44
CA THR A 235 18.19 -41.66 19.94
C THR A 235 17.80 -42.65 18.82
N GLY A 236 17.88 -42.22 17.56
CA GLY A 236 17.60 -43.11 16.45
C GLY A 236 16.16 -43.02 16.00
N ARG A 237 15.41 -42.09 16.58
CA ARG A 237 14.03 -41.90 16.19
C ARG A 237 13.98 -41.14 14.87
N VAL A 238 13.06 -41.53 13.99
CA VAL A 238 12.94 -40.91 12.67
C VAL A 238 11.59 -40.21 12.55
N PHE A 239 11.61 -38.95 12.11
CA PHE A 239 10.41 -38.15 11.94
C PHE A 239 10.26 -37.71 10.50
N ASP A 240 9.12 -38.01 9.90
CA ASP A 240 8.81 -37.50 8.57
C ASP A 240 7.72 -36.40 8.63
N ALA A 241 7.61 -35.61 7.58
CA ALA A 241 6.58 -34.60 7.52
C ALA A 241 6.41 -34.21 6.05
N ASP A 242 5.33 -33.50 5.74
CA ASP A 242 5.15 -32.88 4.41
C ASP A 242 5.79 -31.50 4.31
N LEU A 243 5.90 -30.81 5.43
CA LEU A 243 6.46 -29.49 5.49
C LEU A 243 7.34 -29.38 6.76
N PHE A 244 8.56 -28.86 6.59
CA PHE A 244 9.50 -28.71 7.69
C PHE A 244 9.73 -27.24 7.93
N VAL A 245 9.67 -26.84 9.19
CA VAL A 245 9.79 -25.45 9.60
C VAL A 245 11.10 -25.40 10.42
N ASP A 246 12.08 -24.70 9.87
CA ASP A 246 13.38 -24.59 10.50
C ASP A 246 13.34 -23.44 11.49
N CYS A 247 13.27 -23.76 12.78
CA CYS A 247 13.41 -22.79 13.84
C CYS A 247 14.67 -23.09 14.67
N SER A 248 15.72 -23.56 14.01
CA SER A 248 16.94 -24.01 14.72
C SER A 248 17.89 -22.86 15.09
N GLY A 249 17.49 -21.62 14.83
CA GLY A 249 18.36 -20.49 15.22
C GLY A 249 19.45 -20.27 14.18
N PHE A 250 20.51 -19.57 14.58
CA PHE A 250 21.58 -19.18 13.66
C PHE A 250 22.23 -20.36 12.91
N ARG A 251 22.28 -21.55 13.52
CA ARG A 251 22.70 -22.81 12.84
C ARG A 251 22.04 -23.09 11.48
N GLY A 252 20.79 -22.70 11.31
CA GLY A 252 20.02 -23.11 10.09
C GLY A 252 20.20 -24.58 9.70
N LEU A 253 19.96 -25.45 10.68
CA LEU A 253 20.10 -26.89 10.52
C LEU A 253 19.48 -27.46 9.22
N LEU A 254 18.30 -26.96 8.89
CA LEU A 254 17.58 -27.47 7.75
C LEU A 254 17.82 -26.55 6.55
N ILE A 255 17.55 -25.25 6.69
CA ILE A 255 17.63 -24.32 5.52
C ILE A 255 19.06 -24.13 4.96
N ASN A 256 20.05 -23.96 5.84
CA ASN A 256 21.43 -23.77 5.42
C ASN A 256 22.21 -25.08 5.30
N LYS A 257 22.17 -25.90 6.34
CA LYS A 257 22.99 -27.08 6.38
C LYS A 257 22.43 -28.18 5.45
N ALA A 258 21.16 -28.60 5.64
CA ALA A 258 20.58 -29.68 4.84
C ALA A 258 20.24 -29.22 3.41
N MET A 259 19.50 -28.12 3.28
CA MET A 259 19.09 -27.65 1.95
C MET A 259 20.18 -26.84 1.23
N GLU A 260 21.24 -26.47 1.96
CA GLU A 260 22.41 -25.81 1.36
C GLU A 260 22.06 -24.43 0.77
N GLU A 261 21.07 -23.77 1.33
CA GLU A 261 20.73 -22.43 0.88
C GLU A 261 21.73 -21.41 1.48
N PRO A 262 22.37 -20.58 0.63
CA PRO A 262 23.32 -19.60 1.18
C PRO A 262 22.67 -18.56 2.10
N PHE A 263 23.36 -18.25 3.18
CA PHE A 263 23.04 -17.08 3.96
C PHE A 263 23.73 -15.86 3.33
N LEU A 264 23.00 -14.76 3.21
CA LEU A 264 23.58 -13.49 2.72
C LEU A 264 23.97 -12.57 3.87
N ASP A 265 25.27 -12.49 4.14
CA ASP A 265 25.79 -11.55 5.09
C ASP A 265 25.54 -10.12 4.60
N MET A 266 25.12 -9.22 5.51
CA MET A 266 24.88 -7.85 5.11
C MET A 266 25.64 -6.84 5.95
N SER A 267 26.86 -7.21 6.35
CA SER A 267 27.77 -6.33 7.12
C SER A 267 28.32 -5.15 6.31
N ASP A 268 28.04 -5.13 5.00
CA ASP A 268 28.29 -3.93 4.22
C ASP A 268 27.24 -2.84 4.54
N HIS A 269 26.19 -3.17 5.29
CA HIS A 269 25.20 -2.19 5.72
C HIS A 269 25.17 -1.98 7.22
N LEU A 270 25.59 -3.01 7.94
CA LEU A 270 25.51 -3.09 9.40
C LEU A 270 26.81 -3.61 9.93
N LEU A 271 27.52 -2.74 10.62
CA LEU A 271 28.78 -3.12 11.22
C LEU A 271 28.65 -3.97 12.46
N ASN A 272 27.55 -3.83 13.21
CA ASN A 272 27.41 -4.54 14.48
C ASN A 272 27.14 -6.01 14.30
N ASP A 273 27.90 -6.85 15.01
CA ASP A 273 27.84 -8.31 14.81
C ASP A 273 27.92 -9.09 16.13
N SER A 274 27.89 -8.38 17.26
CA SER A 274 28.18 -8.98 18.57
C SER A 274 27.42 -8.29 19.68
N ALA A 275 27.33 -8.98 20.81
CA ALA A 275 26.74 -8.40 22.00
C ALA A 275 27.33 -9.02 23.26
N VAL A 276 27.40 -8.22 24.29
CA VAL A 276 27.61 -8.73 25.64
C VAL A 276 26.38 -8.28 26.46
N ALA A 277 25.69 -9.23 27.08
CA ALA A 277 24.39 -8.94 27.66
C ALA A 277 24.20 -9.55 29.03
N THR A 278 23.40 -8.85 29.85
CA THR A 278 23.09 -9.33 31.20
C THR A 278 21.72 -8.84 31.66
N GLN A 279 21.35 -9.25 32.87
CA GLN A 279 20.18 -8.75 33.56
C GLN A 279 20.65 -8.11 34.86
N VAL A 280 20.11 -6.92 35.13
CA VAL A 280 20.50 -6.14 36.29
C VAL A 280 19.31 -5.93 37.24
N PRO A 281 19.46 -6.31 38.54
CA PRO A 281 18.38 -6.04 39.50
C PRO A 281 18.07 -4.55 39.59
N HIS A 282 16.80 -4.24 39.83
CA HIS A 282 16.35 -2.86 39.85
C HIS A 282 15.39 -2.60 41.01
N ASP A 283 15.63 -1.53 41.77
CA ASP A 283 14.68 -1.12 42.83
C ASP A 283 13.60 -0.24 42.20
N ASP A 284 12.47 -0.84 41.82
CA ASP A 284 11.33 -0.10 41.25
C ASP A 284 10.65 0.83 42.25
N ASP A 285 10.75 0.52 43.55
CA ASP A 285 10.17 1.40 44.57
C ASP A 285 10.93 2.70 44.70
N ALA A 286 12.25 2.64 44.61
CA ALA A 286 13.03 3.85 44.78
C ALA A 286 13.03 4.65 43.49
N ASN A 287 13.06 3.96 42.35
CA ASN A 287 13.34 4.59 41.07
C ASN A 287 12.18 4.65 40.08
N GLY A 288 11.08 3.95 40.36
CA GLY A 288 10.04 3.80 39.35
C GLY A 288 10.51 2.91 38.20
N VAL A 289 9.69 2.82 37.16
CA VAL A 289 9.97 1.99 36.00
C VAL A 289 9.78 2.85 34.76
N GLU A 290 10.78 2.83 33.89
CA GLU A 290 10.71 3.55 32.63
C GLU A 290 9.81 2.85 31.59
N PRO A 291 8.78 3.58 31.06
CA PRO A 291 7.90 3.09 29.99
C PRO A 291 8.52 3.18 28.58
N PHE A 292 9.78 2.82 28.48
CA PHE A 292 10.47 2.90 27.21
C PHE A 292 11.71 2.00 27.22
N THR A 293 12.10 1.53 26.05
CA THR A 293 13.42 0.94 25.85
C THR A 293 14.38 2.09 25.67
N SER A 294 15.60 1.97 26.21
CA SER A 294 16.63 2.94 25.90
C SER A 294 17.63 2.32 24.92
N ALA A 295 18.07 3.11 23.96
CA ALA A 295 19.13 2.73 23.03
C ALA A 295 20.23 3.76 23.28
N ILE A 296 21.26 3.30 23.97
CA ILE A 296 22.29 4.18 24.53
C ILE A 296 23.54 4.06 23.66
N ALA A 297 23.93 5.14 22.98
CA ALA A 297 25.05 5.07 22.04
C ALA A 297 26.35 4.86 22.82
N MET A 298 27.25 4.02 22.29
CA MET A 298 28.51 3.66 22.92
C MET A 298 29.64 4.06 21.97
N LYS A 299 30.89 3.85 22.37
CA LYS A 299 32.03 4.10 21.47
C LYS A 299 32.06 3.26 20.17
N SER A 300 31.71 1.99 20.28
CA SER A 300 31.76 1.05 19.14
C SER A 300 30.46 0.27 18.97
N GLY A 301 29.34 0.92 19.27
CA GLY A 301 28.03 0.29 19.07
C GLY A 301 27.00 1.02 19.89
N TRP A 302 26.07 0.28 20.51
CA TRP A 302 25.04 0.91 21.34
C TRP A 302 24.57 -0.11 22.35
N THR A 303 23.98 0.36 23.45
CA THR A 303 23.53 -0.56 24.51
C THR A 303 22.03 -0.45 24.69
N TRP A 304 21.34 -1.57 24.78
CA TRP A 304 19.92 -1.53 25.05
C TRP A 304 19.66 -1.56 26.56
N LYS A 305 18.50 -1.02 26.96
CA LYS A 305 18.01 -1.13 28.34
C LYS A 305 16.52 -1.43 28.25
N ILE A 306 16.16 -2.61 28.71
CA ILE A 306 14.78 -3.11 28.63
C ILE A 306 14.23 -3.32 30.06
N PRO A 307 13.53 -2.30 30.62
CA PRO A 307 12.97 -2.44 31.99
C PRO A 307 11.87 -3.53 32.08
N MET A 308 11.99 -4.43 33.06
CA MET A 308 10.96 -5.40 33.37
C MET A 308 10.56 -5.17 34.84
N LEU A 309 10.02 -6.19 35.52
CA LEU A 309 9.60 -6.03 36.89
C LEU A 309 10.75 -6.30 37.85
N GLY A 310 11.21 -5.26 38.54
CA GLY A 310 12.32 -5.42 39.48
C GLY A 310 13.68 -5.79 38.92
N ARG A 311 13.84 -5.59 37.61
CA ARG A 311 15.05 -5.91 36.87
C ARG A 311 14.99 -5.15 35.54
N PHE A 312 16.15 -4.83 34.96
CA PHE A 312 16.22 -4.47 33.53
C PHE A 312 17.18 -5.37 32.77
N GLY A 313 16.84 -5.64 31.52
CA GLY A 313 17.69 -6.42 30.64
C GLY A 313 18.54 -5.40 29.93
N THR A 314 19.82 -5.70 29.74
CA THR A 314 20.70 -4.76 29.04
C THR A 314 21.70 -5.55 28.20
N GLY A 315 22.16 -4.97 27.09
CA GLY A 315 23.14 -5.59 26.21
C GLY A 315 23.87 -4.54 25.38
N TYR A 316 25.19 -4.60 25.37
CA TYR A 316 26.00 -3.79 24.49
C TYR A 316 26.15 -4.51 23.13
N VAL A 317 25.52 -3.94 22.11
CA VAL A 317 25.66 -4.38 20.73
C VAL A 317 26.85 -3.65 20.07
N TYR A 318 27.82 -4.42 19.62
CA TYR A 318 29.03 -3.78 19.14
C TYR A 318 29.55 -4.47 17.88
N SER A 319 30.56 -3.86 17.28
CA SER A 319 31.17 -4.33 16.07
C SER A 319 32.52 -4.96 16.42
N SER A 320 32.65 -6.26 16.16
CA SER A 320 33.88 -6.97 16.51
C SER A 320 35.05 -6.39 15.75
N ARG A 321 34.79 -5.74 14.62
CA ARG A 321 35.89 -5.06 13.90
C ARG A 321 36.37 -3.76 14.58
N PHE A 322 35.68 -3.29 15.60
CA PHE A 322 36.04 -2.02 16.25
C PHE A 322 36.37 -2.09 17.74
N ALA A 323 35.90 -3.16 18.39
CA ALA A 323 36.15 -3.42 19.80
C ALA A 323 36.38 -4.92 19.94
N THR A 324 37.35 -5.30 20.76
CA THR A 324 37.50 -6.73 21.12
C THR A 324 36.39 -7.11 22.12
N GLU A 325 36.20 -8.40 22.35
CA GLU A 325 35.25 -8.88 23.35
C GLU A 325 35.56 -8.31 24.75
N ASP A 326 36.85 -8.23 25.09
CA ASP A 326 37.30 -7.73 26.38
C ASP A 326 37.00 -6.25 26.58
N GLU A 327 37.34 -5.43 25.59
CA GLU A 327 37.01 -4.00 25.58
C GLU A 327 35.49 -3.75 25.74
N ALA A 328 34.69 -4.54 25.04
CA ALA A 328 33.23 -4.47 25.09
C ALA A 328 32.66 -4.86 26.47
N VAL A 329 33.25 -5.90 27.07
CA VAL A 329 32.88 -6.36 28.41
C VAL A 329 33.18 -5.25 29.41
N ARG A 330 34.39 -4.67 29.32
CA ARG A 330 34.80 -3.56 30.19
C ARG A 330 33.93 -2.31 30.02
N GLU A 331 33.77 -1.84 28.79
CA GLU A 331 32.90 -0.70 28.49
C GLU A 331 31.49 -0.84 29.06
N PHE A 332 30.90 -2.01 28.86
CA PHE A 332 29.54 -2.36 29.29
C PHE A 332 29.40 -2.44 30.82
N CYS A 333 30.32 -3.15 31.48
CA CYS A 333 30.34 -3.23 32.94
C CYS A 333 30.62 -1.89 33.57
N GLU A 334 31.60 -1.14 33.07
CA GLU A 334 31.85 0.23 33.53
C GLU A 334 30.56 1.09 33.55
N MET A 335 29.76 1.05 32.47
CA MET A 335 28.58 1.94 32.40
C MET A 335 27.50 1.62 33.46
N TRP A 336 27.35 0.35 33.77
CA TRP A 336 26.36 -0.12 34.74
C TRP A 336 26.95 -0.40 36.14
N HIS A 337 28.24 -0.11 36.31
CA HIS A 337 28.97 -0.34 37.56
C HIS A 337 28.87 -1.79 38.01
N LEU A 338 29.01 -2.71 37.05
CA LEU A 338 29.10 -4.15 37.31
C LEU A 338 30.56 -4.60 37.42
N ASP A 339 30.81 -5.70 38.14
CA ASP A 339 32.15 -6.33 38.28
C ASP A 339 32.33 -7.36 37.16
N PRO A 340 33.29 -7.13 36.22
CA PRO A 340 33.33 -8.01 35.01
C PRO A 340 33.71 -9.46 35.35
N GLU A 341 34.38 -9.63 36.49
CA GLU A 341 34.80 -10.94 37.02
C GLU A 341 33.66 -11.75 37.62
N THR A 342 32.57 -11.08 37.95
CA THR A 342 31.53 -11.64 38.81
C THR A 342 30.13 -11.62 38.17
N GLN A 343 29.85 -10.59 37.39
CA GLN A 343 28.59 -10.45 36.71
C GLN A 343 28.40 -11.61 35.72
N PRO A 344 27.21 -12.24 35.73
CA PRO A 344 26.89 -13.24 34.69
C PRO A 344 26.70 -12.54 33.35
N LEU A 345 27.45 -12.96 32.34
CA LEU A 345 27.38 -12.31 31.02
C LEU A 345 27.10 -13.33 29.93
N ASN A 346 26.24 -12.97 28.98
CA ASN A 346 26.15 -13.68 27.72
C ASN A 346 26.99 -12.94 26.70
N ARG A 347 27.92 -13.64 26.08
CA ARG A 347 28.73 -13.13 24.98
C ARG A 347 28.25 -13.81 23.70
N ILE A 348 27.88 -13.03 22.70
CA ILE A 348 27.17 -13.53 21.54
C ILE A 348 27.82 -12.96 20.29
N ARG A 349 28.04 -13.81 19.31
CA ARG A 349 28.42 -13.35 18.00
C ARG A 349 27.26 -13.69 17.09
N PHE A 350 26.75 -12.69 16.35
CA PHE A 350 25.61 -12.86 15.47
C PHE A 350 26.01 -13.06 14.03
N ARG A 351 25.12 -13.75 13.35
CA ARG A 351 24.95 -13.79 11.90
C ARG A 351 24.07 -12.59 11.52
N VAL A 352 24.55 -11.69 10.68
CA VAL A 352 23.75 -10.51 10.33
C VAL A 352 23.39 -10.51 8.83
N GLY A 353 22.09 -10.54 8.53
CA GLY A 353 21.62 -10.63 7.14
C GLY A 353 20.45 -11.60 7.02
N ARG A 354 20.32 -12.25 5.87
CA ARG A 354 19.21 -13.16 5.64
C ARG A 354 19.58 -14.23 4.64
N ASN A 355 18.81 -15.33 4.65
CA ASN A 355 18.99 -16.36 3.61
C ASN A 355 18.67 -15.78 2.24
N ARG A 356 19.31 -16.32 1.21
CA ARG A 356 19.01 -15.94 -0.14
C ARG A 356 17.48 -16.14 -0.39
N ARG A 357 16.97 -17.28 0.08
CA ARG A 357 15.56 -17.58 0.03
C ARG A 357 15.16 -18.15 1.39
N ALA A 358 14.07 -17.64 1.98
CA ALA A 358 13.58 -18.08 3.31
C ALA A 358 12.94 -19.46 3.29
N TRP A 359 12.33 -19.81 2.15
CA TRP A 359 11.61 -21.06 1.95
C TRP A 359 12.17 -21.72 0.67
N VAL A 360 12.72 -22.93 0.84
CA VAL A 360 13.25 -23.69 -0.26
C VAL A 360 12.65 -25.10 -0.22
N GLY A 361 12.12 -25.55 -1.36
CA GLY A 361 11.50 -26.87 -1.42
C GLY A 361 10.38 -26.95 -0.40
N ASN A 362 10.47 -27.91 0.52
CA ASN A 362 9.50 -28.07 1.59
C ASN A 362 10.06 -27.64 2.96
N CYS A 363 11.05 -26.73 2.94
CA CYS A 363 11.68 -26.22 4.14
C CYS A 363 11.47 -24.70 4.27
N VAL A 364 10.73 -24.27 5.29
CA VAL A 364 10.49 -22.84 5.52
C VAL A 364 11.29 -22.43 6.76
N SER A 365 12.16 -21.43 6.64
CA SER A 365 12.87 -20.88 7.82
C SER A 365 12.09 -19.76 8.52
N ILE A 366 12.08 -19.83 9.85
CA ILE A 366 11.35 -18.87 10.71
C ILE A 366 12.21 -18.46 11.90
N GLY A 367 12.45 -17.16 12.07
CA GLY A 367 13.22 -16.67 13.21
C GLY A 367 14.65 -16.46 12.77
N THR A 368 15.62 -16.73 13.64
CA THR A 368 16.99 -16.35 13.33
C THR A 368 17.65 -17.32 12.34
N SER A 369 17.03 -18.49 12.13
CA SER A 369 17.45 -19.39 11.05
C SER A 369 17.22 -18.73 9.67
N SER A 370 16.35 -17.73 9.64
CA SER A 370 15.94 -17.02 8.43
C SER A 370 16.74 -15.72 8.25
N CYS A 371 16.73 -14.87 9.28
CA CYS A 371 17.35 -13.58 9.21
C CYS A 371 17.61 -12.99 10.60
N PHE A 372 18.48 -11.99 10.65
CA PHE A 372 18.73 -11.28 11.88
C PHE A 372 19.38 -9.95 11.63
N VAL A 373 18.91 -8.97 12.43
CA VAL A 373 19.52 -7.68 12.57
C VAL A 373 19.49 -7.28 14.05
N GLU A 374 20.47 -6.47 14.47
CA GLU A 374 20.54 -5.96 15.83
C GLU A 374 19.16 -5.47 16.24
N PRO A 375 18.82 -5.60 17.54
CA PRO A 375 17.51 -5.23 18.04
C PRO A 375 17.30 -3.71 18.22
N LEU A 376 17.89 -2.88 17.37
CA LEU A 376 17.80 -1.44 17.53
C LEU A 376 16.36 -0.91 17.43
N GLU A 377 15.53 -1.59 16.65
CA GLU A 377 14.13 -1.18 16.44
C GLU A 377 13.13 -2.29 16.80
N SER A 378 13.51 -3.20 17.70
CA SER A 378 12.57 -4.19 18.30
C SER A 378 11.81 -5.00 17.25
N THR A 379 12.54 -5.58 16.31
CA THR A 379 11.91 -6.25 15.19
C THR A 379 12.03 -7.78 15.25
N GLY A 380 12.83 -8.32 16.17
CA GLY A 380 13.11 -9.78 16.19
C GLY A 380 11.88 -10.69 16.26
N ILE A 381 11.03 -10.43 17.24
CA ILE A 381 9.84 -11.23 17.47
C ILE A 381 8.81 -10.92 16.35
N TYR A 382 8.62 -9.65 16.05
CA TYR A 382 7.87 -9.26 14.89
C TYR A 382 8.21 -10.11 13.66
N PHE A 383 9.49 -10.28 13.32
CA PHE A 383 9.85 -11.06 12.11
C PHE A 383 9.34 -12.49 12.16
N VAL A 384 9.24 -13.07 13.36
CA VAL A 384 8.68 -14.42 13.53
C VAL A 384 7.18 -14.47 13.14
N TYR A 385 6.33 -13.70 13.81
CA TYR A 385 4.88 -13.76 13.48
C TYR A 385 4.47 -13.08 12.17
N ALA A 386 5.28 -12.14 11.68
CA ALA A 386 5.06 -11.60 10.34
C ALA A 386 5.28 -12.70 9.30
N ALA A 387 6.41 -13.42 9.40
CA ALA A 387 6.67 -14.57 8.55
C ALA A 387 5.61 -15.68 8.65
N LEU A 388 5.14 -15.96 9.86
CA LEU A 388 4.09 -16.97 10.06
C LEU A 388 2.76 -16.55 9.40
N TYR A 389 2.40 -15.28 9.56
CA TYR A 389 1.27 -14.70 8.83
C TYR A 389 1.39 -14.92 7.32
N GLN A 390 2.55 -14.57 6.78
CA GLN A 390 2.83 -14.77 5.34
C GLN A 390 2.85 -16.24 4.94
N LEU A 391 3.36 -17.13 5.80
CA LEU A 391 3.38 -18.55 5.48
C LEU A 391 1.96 -19.07 5.30
N VAL A 392 1.08 -18.74 6.23
CA VAL A 392 -0.31 -19.14 6.19
C VAL A 392 -1.01 -18.51 4.96
N LYS A 393 -0.67 -17.26 4.64
CA LYS A 393 -1.27 -16.64 3.44
C LYS A 393 -0.84 -17.36 2.14
N HIS A 394 0.42 -17.80 2.07
CA HIS A 394 1.01 -18.48 0.92
C HIS A 394 1.08 -20.00 1.16
N PHE A 395 0.18 -20.50 2.00
CA PHE A 395 0.19 -21.94 2.37
C PHE A 395 0.06 -22.90 1.18
N PRO A 396 1.02 -23.85 1.04
CA PRO A 396 1.03 -24.83 -0.04
C PRO A 396 0.16 -26.05 0.26
N ASP A 397 -0.12 -26.84 -0.78
CA ASP A 397 -0.45 -28.24 -0.57
C ASP A 397 0.80 -29.06 -0.93
N LYS A 398 0.69 -30.38 -1.08
CA LYS A 398 1.89 -31.18 -1.30
C LYS A 398 2.54 -30.99 -2.66
N SER A 399 1.83 -30.37 -3.60
CA SER A 399 2.47 -30.07 -4.88
C SER A 399 3.44 -28.89 -4.76
N LEU A 400 3.43 -28.19 -3.63
CA LEU A 400 4.35 -27.09 -3.38
C LEU A 400 4.41 -26.12 -4.60
N ASN A 401 3.29 -25.49 -4.91
CA ASN A 401 3.25 -24.53 -6.02
C ASN A 401 4.40 -23.49 -5.92
N PRO A 402 5.31 -23.48 -6.91
CA PRO A 402 6.49 -22.60 -6.91
C PRO A 402 6.16 -21.10 -6.77
N VAL A 403 4.97 -20.67 -7.23
CA VAL A 403 4.54 -19.25 -7.12
C VAL A 403 4.29 -18.88 -5.66
N LEU A 404 3.75 -19.82 -4.88
CA LEU A 404 3.48 -19.54 -3.47
C LEU A 404 4.80 -19.30 -2.73
N THR A 405 5.77 -20.18 -2.96
CA THR A 405 7.13 -20.06 -2.37
C THR A 405 7.82 -18.78 -2.81
N ALA A 406 7.79 -18.47 -4.11
CA ALA A 406 8.48 -17.27 -4.59
C ALA A 406 7.89 -16.01 -4.01
N ARG A 407 6.56 -15.94 -3.90
CA ARG A 407 5.90 -14.75 -3.33
C ARG A 407 6.18 -14.59 -1.85
N PHE A 408 6.16 -15.70 -1.12
CA PHE A 408 6.51 -15.69 0.29
C PHE A 408 7.95 -15.20 0.45
N ASN A 409 8.87 -15.71 -0.35
CA ASN A 409 10.25 -15.25 -0.30
C ASN A 409 10.43 -13.73 -0.57
N ARG A 410 9.67 -13.19 -1.52
CA ARG A 410 9.68 -11.77 -1.80
C ARG A 410 9.20 -10.96 -0.59
N GLU A 411 8.17 -11.44 0.10
CA GLU A 411 7.63 -10.69 1.24
C GLU A 411 8.66 -10.63 2.36
N ILE A 412 9.35 -11.75 2.58
CA ILE A 412 10.39 -11.82 3.61
C ILE A 412 11.61 -10.96 3.25
N GLU A 413 12.03 -11.01 1.99
CA GLU A 413 13.22 -10.25 1.63
C GLU A 413 12.98 -8.72 1.77
N THR A 414 11.76 -8.27 1.44
CA THR A 414 11.36 -6.86 1.63
C THR A 414 11.19 -6.49 3.09
N MET A 415 10.54 -7.35 3.85
CA MET A 415 10.35 -7.12 5.26
C MET A 415 11.73 -6.88 5.90
N PHE A 416 12.70 -7.75 5.59
CA PHE A 416 14.01 -7.68 6.20
C PHE A 416 14.86 -6.51 5.68
N ASP A 417 15.00 -6.41 4.36
CA ASP A 417 15.81 -5.36 3.74
C ASP A 417 15.37 -3.94 4.08
N ASP A 418 14.06 -3.65 4.09
CA ASP A 418 13.55 -2.39 4.61
C ASP A 418 13.98 -2.09 6.04
N THR A 419 14.00 -3.11 6.90
CA THR A 419 14.48 -2.95 8.27
C THR A 419 16.00 -2.75 8.33
N ARG A 420 16.76 -3.58 7.61
CA ARG A 420 18.19 -3.40 7.51
C ARG A 420 18.53 -1.92 7.10
N ASP A 421 17.83 -1.38 6.09
CA ASP A 421 18.04 0.00 5.66
C ASP A 421 17.73 1.04 6.75
N PHE A 422 16.56 0.90 7.39
CA PHE A 422 16.13 1.82 8.42
C PHE A 422 17.17 1.86 9.55
N ILE A 423 17.66 0.68 9.92
CA ILE A 423 18.64 0.58 11.01
C ILE A 423 20.01 1.19 10.62
N GLN A 424 20.46 0.94 9.38
CA GLN A 424 21.72 1.53 8.90
C GLN A 424 21.67 3.06 9.05
N ALA A 425 20.52 3.64 8.72
CA ALA A 425 20.26 5.08 8.82
C ALA A 425 20.47 5.69 10.24
N HIS A 426 20.20 4.92 11.30
CA HIS A 426 20.52 5.35 12.69
C HIS A 426 22.03 5.64 12.85
N PHE A 427 22.87 4.82 12.26
CA PHE A 427 24.34 4.99 12.35
C PHE A 427 24.88 6.00 11.33
N TYR A 428 24.37 5.89 10.10
CA TYR A 428 24.82 6.67 8.96
C TYR A 428 24.60 8.17 9.17
N PHE A 429 23.45 8.54 9.75
CA PHE A 429 23.14 9.94 9.99
C PHE A 429 23.42 10.46 11.40
N SER A 430 23.99 9.64 12.27
CA SER A 430 24.54 10.19 13.51
C SER A 430 25.63 11.23 13.18
N PRO A 431 25.60 12.39 13.88
CA PRO A 431 26.63 13.43 13.69
C PRO A 431 28.01 13.10 14.30
N ARG A 432 28.09 12.08 15.15
CA ARG A 432 29.32 11.71 15.83
C ARG A 432 30.46 11.32 14.88
N THR A 433 31.66 11.82 15.20
CA THR A 433 32.88 11.49 14.47
C THR A 433 34.01 11.11 15.43
N ASP A 434 33.66 10.76 16.68
CA ASP A 434 34.67 10.72 17.76
C ASP A 434 35.42 9.40 17.89
N THR A 435 34.88 8.31 17.31
CA THR A 435 35.54 6.99 17.38
C THR A 435 35.71 6.38 15.97
N PRO A 436 36.66 5.46 15.80
CA PRO A 436 36.71 4.77 14.49
C PRO A 436 35.36 4.18 14.05
N PHE A 437 34.57 3.68 15.00
CA PHE A 437 33.27 3.11 14.68
C PHE A 437 32.27 4.11 14.05
N TRP A 438 32.09 5.27 14.69
CA TRP A 438 31.09 6.23 14.21
C TRP A 438 31.48 6.84 12.84
N ARG A 439 32.77 6.98 12.60
CA ARG A 439 33.28 7.51 11.32
C ARG A 439 33.16 6.48 10.22
N ALA A 440 33.42 5.20 10.54
CA ALA A 440 33.34 4.11 9.58
C ALA A 440 31.90 3.88 9.08
N ASN A 441 30.91 4.17 9.93
CA ASN A 441 29.51 4.12 9.52
C ASN A 441 29.13 5.05 8.37
N LYS A 442 29.81 6.21 8.33
CA LYS A 442 29.53 7.22 7.32
C LYS A 442 30.16 6.81 5.96
N GLU A 443 31.01 5.80 6.00
CA GLU A 443 31.70 5.37 4.81
C GLU A 443 31.05 4.15 4.13
N LEU A 444 30.06 3.55 4.78
CA LEU A 444 29.26 2.51 4.11
C LEU A 444 28.32 3.18 3.10
N ARG A 445 27.81 2.43 2.14
CA ARG A 445 26.79 2.96 1.25
C ARG A 445 25.41 2.57 1.70
N LEU A 446 24.45 3.48 1.55
CA LEU A 446 23.06 3.12 1.69
C LEU A 446 22.66 2.32 0.48
N ALA A 447 21.76 1.35 0.69
CA ALA A 447 21.12 0.65 -0.43
C ALA A 447 20.37 1.68 -1.28
N ASP A 448 20.27 1.41 -2.59
CA ASP A 448 19.61 2.28 -3.55
C ASP A 448 18.23 2.76 -3.11
N GLY A 449 17.41 1.81 -2.67
CA GLY A 449 16.08 2.11 -2.17
C GLY A 449 16.08 3.08 -1.00
N MET A 450 17.05 2.93 -0.09
CA MET A 450 17.21 3.85 1.02
C MET A 450 17.72 5.25 0.62
N GLN A 451 18.70 5.30 -0.29
CA GLN A 451 19.18 6.55 -0.82
C GLN A 451 18.02 7.34 -1.43
N GLU A 452 17.14 6.63 -2.12
CA GLU A 452 15.96 7.25 -2.71
C GLU A 452 15.00 7.84 -1.64
N LYS A 453 14.79 7.13 -0.55
CA LYS A 453 13.98 7.66 0.53
C LYS A 453 14.61 8.92 1.13
N ILE A 454 15.92 8.89 1.37
CA ILE A 454 16.67 10.07 1.84
C ILE A 454 16.55 11.26 0.91
N ASP A 455 16.70 11.03 -0.40
CA ASP A 455 16.49 12.07 -1.42
C ASP A 455 15.08 12.68 -1.33
N MET A 456 14.07 11.83 -1.18
CA MET A 456 12.68 12.29 -0.98
C MET A 456 12.52 13.11 0.32
N TYR A 457 13.07 12.60 1.42
CA TYR A 457 13.05 13.31 2.69
C TYR A 457 13.69 14.70 2.58
N ARG A 458 14.88 14.77 1.99
CA ARG A 458 15.54 16.06 1.78
C ARG A 458 14.78 17.03 0.89
N ALA A 459 13.96 16.50 -0.03
CA ALA A 459 13.12 17.36 -0.90
C ALA A 459 11.83 17.78 -0.18
N GLY A 460 11.73 17.44 1.11
CA GLY A 460 10.56 17.81 1.91
C GLY A 460 9.38 16.84 1.78
N MET A 461 9.57 15.72 1.08
CA MET A 461 8.51 14.72 0.93
C MET A 461 8.33 13.82 2.17
N ALA A 462 7.12 13.29 2.37
CA ALA A 462 6.92 12.20 3.31
C ALA A 462 7.55 10.95 2.69
N ILE A 463 7.98 10.05 3.57
CA ILE A 463 8.45 8.74 3.16
C ILE A 463 7.43 7.78 3.67
N ASN A 464 6.76 7.07 2.77
CA ASN A 464 5.76 6.06 3.17
C ASN A 464 4.78 6.63 4.16
N ALA A 465 4.15 7.74 3.80
CA ALA A 465 3.11 8.29 4.67
C ALA A 465 1.97 7.28 4.83
N PRO A 466 1.43 7.18 6.06
CA PRO A 466 0.34 6.22 6.24
C PRO A 466 -0.90 6.70 5.43
N ALA A 467 -1.66 5.76 4.87
CA ALA A 467 -2.85 6.14 4.08
C ALA A 467 -3.91 6.92 4.90
N SER A 468 -3.99 6.59 6.20
CA SER A 468 -4.81 7.27 7.20
C SER A 468 -3.93 7.57 8.44
N ASP A 469 -4.28 8.59 9.22
CA ASP A 469 -3.55 8.82 10.48
C ASP A 469 -4.23 8.14 11.70
N ASP A 470 -5.22 7.29 11.43
CA ASP A 470 -5.97 6.57 12.48
C ASP A 470 -5.15 5.35 12.92
N ALA A 471 -4.53 5.45 14.09
CA ALA A 471 -3.64 4.40 14.65
C ALA A 471 -4.34 3.06 14.87
N GLN A 472 -5.64 3.09 15.21
CA GLN A 472 -6.44 1.88 15.36
C GLN A 472 -6.60 1.10 14.06
N LEU A 473 -6.79 1.79 12.94
CA LEU A 473 -6.83 1.15 11.62
C LEU A 473 -5.52 0.42 11.41
N TYR A 474 -4.42 1.17 11.48
CA TYR A 474 -3.06 0.68 11.33
C TYR A 474 -2.69 -0.51 12.23
N TYR A 475 -2.72 -0.32 13.55
CA TYR A 475 -2.33 -1.41 14.48
C TYR A 475 -3.39 -2.54 14.61
N GLY A 476 -4.59 -2.30 14.09
CA GLY A 476 -5.67 -3.27 14.15
C GLY A 476 -5.80 -4.11 12.89
N ASN A 477 -5.06 -3.73 11.85
CA ASN A 477 -5.12 -4.41 10.56
C ASN A 477 -3.71 -4.76 10.06
N PHE A 478 -3.32 -6.03 10.20
CA PHE A 478 -1.94 -6.44 9.92
C PHE A 478 -1.50 -6.17 8.48
N GLU A 479 -2.41 -6.42 7.57
CA GLU A 479 -2.21 -6.21 6.15
C GLU A 479 -1.89 -4.74 5.84
N GLU A 480 -2.64 -3.84 6.46
CA GLU A 480 -2.39 -2.41 6.35
C GLU A 480 -1.00 -2.00 6.92
N GLU A 481 -0.63 -2.56 8.07
CA GLU A 481 0.68 -2.26 8.67
C GLU A 481 1.85 -2.93 7.94
N PHE A 482 1.67 -4.18 7.53
CA PHE A 482 2.75 -4.84 6.81
C PHE A 482 3.15 -4.07 5.52
N ARG A 483 2.17 -3.46 4.84
CA ARG A 483 2.38 -2.71 3.59
C ARG A 483 3.00 -1.35 3.82
N ASN A 484 2.99 -0.90 5.06
CA ASN A 484 3.42 0.43 5.37
C ASN A 484 4.19 0.39 6.69
N PHE A 485 5.11 -0.58 6.82
CA PHE A 485 5.67 -0.91 8.13
C PHE A 485 6.52 0.19 8.75
N TRP A 486 7.47 0.72 7.98
CA TRP A 486 8.20 1.90 8.41
C TRP A 486 7.53 3.04 7.68
N ASN A 487 6.88 3.92 8.44
CA ASN A 487 6.08 4.95 7.81
C ASN A 487 6.72 6.30 8.10
N ASN A 488 6.16 7.36 7.53
CA ASN A 488 6.73 8.68 7.63
C ASN A 488 7.06 9.14 9.07
N SER A 489 6.21 8.78 10.03
CA SER A 489 6.39 9.09 11.44
C SER A 489 7.71 8.54 11.99
N ASN A 490 8.00 7.29 11.63
CA ASN A 490 9.19 6.57 12.07
C ASN A 490 10.44 7.18 11.45
N TYR A 491 10.39 7.45 10.15
CA TYR A 491 11.54 8.11 9.49
C TYR A 491 11.82 9.46 10.11
N TYR A 492 10.78 10.28 10.33
CA TYR A 492 10.99 11.61 10.96
C TYR A 492 11.54 11.53 12.40
N CYS A 493 11.04 10.60 13.21
CA CYS A 493 11.53 10.43 14.59
C CYS A 493 13.04 10.23 14.64
N VAL A 494 13.52 9.38 13.74
CA VAL A 494 14.90 8.92 13.74
C VAL A 494 15.80 9.91 12.97
N LEU A 495 15.40 10.26 11.76
CA LEU A 495 16.19 11.21 10.97
C LEU A 495 16.22 12.59 11.62
N ALA A 496 15.06 13.16 11.96
CA ALA A 496 15.05 14.48 12.57
C ALA A 496 15.64 14.39 13.98
N GLY A 497 15.43 13.29 14.70
CA GLY A 497 16.05 13.14 16.01
C GLY A 497 17.57 13.23 15.90
N LEU A 498 18.14 12.53 14.93
CA LEU A 498 19.59 12.58 14.74
C LEU A 498 20.08 13.96 14.22
N GLY A 499 19.17 14.74 13.65
CA GLY A 499 19.49 16.08 13.14
C GLY A 499 19.49 16.14 11.62
N LEU A 500 19.12 15.05 10.94
CA LEU A 500 18.97 15.14 9.47
C LEU A 500 17.61 15.71 9.22
N VAL A 501 17.57 16.83 8.51
CA VAL A 501 16.31 17.49 8.21
C VAL A 501 16.32 17.83 6.71
N PRO A 502 15.14 18.14 6.13
CA PRO A 502 15.09 18.49 4.71
C PRO A 502 15.92 19.73 4.36
N ASP A 503 16.26 19.90 3.07
CA ASP A 503 17.07 21.04 2.63
C ASP A 503 16.28 22.34 2.75
N ALA A 504 14.96 22.23 2.64
CA ALA A 504 14.04 23.36 2.67
C ALA A 504 12.64 22.78 2.92
N PRO A 505 11.71 23.63 3.43
CA PRO A 505 10.31 23.19 3.64
C PRO A 505 9.64 22.65 2.38
N SER A 506 8.69 21.75 2.56
CA SER A 506 7.83 21.30 1.47
C SER A 506 7.33 22.54 0.73
N PRO A 507 7.62 22.63 -0.60
CA PRO A 507 7.19 23.77 -1.43
C PRO A 507 5.67 24.00 -1.44
N ARG A 508 4.90 22.94 -1.18
CA ARG A 508 3.44 23.01 -1.03
C ARG A 508 2.97 24.03 0.01
N LEU A 509 3.67 24.08 1.15
CA LEU A 509 3.22 24.90 2.29
C LEU A 509 3.18 26.41 2.03
N ALA A 510 4.06 26.90 1.15
CA ALA A 510 4.04 28.30 0.74
C ALA A 510 2.75 28.64 -0.03
N HIS A 511 2.12 27.63 -0.61
CA HIS A 511 0.84 27.82 -1.30
C HIS A 511 -0.38 27.57 -0.42
N MET A 512 -0.16 27.28 0.87
CA MET A 512 -1.27 26.98 1.79
C MET A 512 -1.21 27.86 3.06
N PRO A 513 -1.37 29.21 2.90
CA PRO A 513 -1.30 30.11 4.05
C PRO A 513 -2.37 29.82 5.12
N GLN A 514 -3.57 29.43 4.69
CA GLN A 514 -4.63 29.04 5.62
C GLN A 514 -4.24 27.82 6.46
N ALA A 515 -3.60 26.83 5.83
CA ALA A 515 -3.18 25.62 6.51
C ALA A 515 -2.05 25.87 7.49
N THR A 516 -1.09 26.72 7.13
CA THR A 516 0.05 26.97 8.01
C THR A 516 -0.34 27.86 9.19
N GLU A 517 -1.42 28.61 9.02
CA GLU A 517 -2.05 29.38 10.10
C GLU A 517 -2.83 28.53 11.08
N SER A 518 -3.70 27.68 10.55
CA SER A 518 -4.60 26.89 11.38
C SER A 518 -3.91 25.67 12.01
N VAL A 519 -2.72 25.31 11.52
CA VAL A 519 -1.94 24.20 12.11
C VAL A 519 -1.56 24.49 13.58
N ASP A 520 -1.49 25.77 13.93
CA ASP A 520 -1.17 26.19 15.27
C ASP A 520 -2.07 25.53 16.33
N GLU A 521 -3.34 25.31 16.01
CA GLU A 521 -4.26 24.61 16.90
C GLU A 521 -3.93 23.14 17.10
N VAL A 522 -3.36 22.51 16.06
CA VAL A 522 -2.90 21.13 16.13
C VAL A 522 -1.73 21.01 17.10
N PHE A 523 -0.79 21.95 17.04
CA PHE A 523 0.35 21.98 17.98
C PHE A 523 -0.10 22.29 19.39
N GLY A 524 -1.03 23.25 19.53
CA GLY A 524 -1.67 23.58 20.81
C GLY A 524 -2.35 22.36 21.41
N ALA A 525 -3.05 21.59 20.57
CA ALA A 525 -3.76 20.38 21.03
C ALA A 525 -2.81 19.35 21.64
N VAL A 526 -1.66 19.13 20.99
CA VAL A 526 -0.58 18.30 21.54
C VAL A 526 -0.06 18.83 22.87
N LYS A 527 0.24 20.14 22.93
CA LYS A 527 0.66 20.80 24.18
C LYS A 527 -0.34 20.58 25.33
N ASP A 528 -1.63 20.74 25.03
CA ASP A 528 -2.74 20.45 25.95
C ASP A 528 -2.71 18.99 26.48
N ARG A 529 -2.52 18.02 25.60
CA ARG A 529 -2.45 16.61 26.01
C ARG A 529 -1.19 16.34 26.81
N GLN A 530 -0.09 16.99 26.45
CA GLN A 530 1.17 16.81 27.18
C GLN A 530 0.95 17.25 28.63
N ARG A 531 0.37 18.44 28.80
CA ARG A 531 0.12 19.03 30.10
C ARG A 531 -0.89 18.23 30.95
N ASN A 532 -2.03 17.87 30.37
CA ASN A 532 -3.08 17.18 31.10
C ASN A 532 -2.77 15.74 31.49
N LEU A 533 -2.02 15.04 30.65
CA LEU A 533 -1.58 13.68 30.94
C LEU A 533 -0.43 13.65 31.95
N LEU A 534 0.48 14.61 31.87
CA LEU A 534 1.53 14.77 32.90
C LEU A 534 0.89 14.97 34.30
N GLU A 535 -0.19 15.76 34.37
CA GLU A 535 -0.90 15.99 35.64
C GLU A 535 -1.78 14.83 36.10
N THR A 536 -2.39 14.08 35.19
CA THR A 536 -3.39 13.08 35.60
C THR A 536 -2.95 11.62 35.64
N LEU A 537 -1.85 11.27 34.98
CA LEU A 537 -1.48 9.86 34.83
C LEU A 537 -0.74 9.30 36.05
N PRO A 538 -1.05 8.02 36.41
CA PRO A 538 -0.24 7.37 37.43
C PRO A 538 1.14 7.06 36.85
N SER A 539 2.13 6.85 37.72
CA SER A 539 3.40 6.31 37.26
C SER A 539 3.22 4.89 36.69
N LEU A 540 4.17 4.47 35.84
CA LEU A 540 4.14 3.11 35.32
C LEU A 540 4.30 2.14 36.50
N HIS A 541 5.20 2.47 37.41
CA HIS A 541 5.33 1.65 38.61
C HIS A 541 4.00 1.45 39.38
N GLU A 542 3.26 2.54 39.62
CA GLU A 542 1.95 2.40 40.27
C GLU A 542 1.00 1.48 39.47
N PHE A 543 0.86 1.75 38.18
CA PHE A 543 0.02 0.87 37.36
C PHE A 543 0.45 -0.62 37.35
N LEU A 544 1.76 -0.88 37.26
CA LEU A 544 2.28 -2.26 37.22
C LEU A 544 1.98 -3.03 38.50
N ARG A 545 2.09 -2.35 39.63
CA ARG A 545 1.79 -2.96 40.92
C ARG A 545 0.34 -3.47 40.97
N GLN A 546 -0.58 -2.63 40.49
CA GLN A 546 -1.99 -2.99 40.38
C GLN A 546 -2.20 -4.11 39.35
N GLN A 547 -1.69 -3.89 38.12
CA GLN A 547 -1.80 -4.85 37.02
C GLN A 547 -1.28 -6.27 37.36
N HIS A 548 -0.08 -6.34 37.93
CA HIS A 548 0.47 -7.62 38.37
C HIS A 548 0.08 -7.83 39.83
N SER B 22 14.85 29.03 -5.82
CA SER B 22 14.74 30.42 -6.38
C SER B 22 13.46 31.18 -5.96
N GLY B 23 12.69 30.68 -4.97
CA GLY B 23 11.36 31.26 -4.64
C GLY B 23 10.18 30.36 -5.05
N LYS B 24 8.97 30.67 -4.58
CA LYS B 24 7.78 29.87 -4.94
C LYS B 24 7.39 30.09 -6.42
N ILE B 25 6.71 29.11 -7.00
CA ILE B 25 6.05 29.29 -8.29
C ILE B 25 5.06 30.46 -8.16
N ASP B 26 5.18 31.50 -9.00
CA ASP B 26 4.25 32.65 -8.98
C ASP B 26 3.17 32.60 -10.12
N LYS B 27 3.58 32.06 -11.26
CA LYS B 27 2.76 32.03 -12.45
C LYS B 27 2.71 30.63 -13.05
N ILE B 28 1.51 30.22 -13.43
CA ILE B 28 1.27 28.95 -14.12
C ILE B 28 0.54 29.23 -15.44
N LEU B 29 1.05 28.65 -16.52
CA LEU B 29 0.36 28.67 -17.80
C LEU B 29 -0.11 27.27 -18.18
N ILE B 30 -1.41 27.13 -18.36
CA ILE B 30 -2.03 25.91 -18.84
C ILE B 30 -2.31 26.12 -20.33
N VAL B 31 -1.82 25.20 -21.17
CA VAL B 31 -2.05 25.29 -22.61
C VAL B 31 -3.02 24.17 -22.98
N GLY B 32 -4.18 24.57 -23.51
CA GLY B 32 -5.26 23.63 -23.79
C GLY B 32 -6.43 23.75 -22.82
N GLY B 33 -7.63 23.83 -23.37
CA GLY B 33 -8.81 23.64 -22.58
C GLY B 33 -9.29 22.18 -22.61
N GLY B 34 -10.53 22.04 -23.06
CA GLY B 34 -11.24 20.79 -22.94
C GLY B 34 -11.31 20.36 -21.48
N THR B 35 -11.64 19.09 -21.28
CA THR B 35 -11.76 18.55 -19.94
C THR B 35 -10.48 18.65 -19.09
N ALA B 36 -9.35 18.17 -19.64
CA ALA B 36 -8.09 18.16 -18.91
C ALA B 36 -7.67 19.57 -18.50
N GLY B 37 -7.73 20.53 -19.43
CA GLY B 37 -7.28 21.91 -19.13
C GLY B 37 -8.11 22.61 -18.06
N TRP B 38 -9.44 22.49 -18.14
CA TRP B 38 -10.30 23.07 -17.13
C TRP B 38 -10.36 22.32 -15.80
N MET B 39 -10.13 21.01 -15.82
CA MET B 39 -9.81 20.29 -14.59
C MET B 39 -8.52 20.77 -13.89
N ALA B 40 -7.44 20.90 -14.67
CA ALA B 40 -6.16 21.44 -14.21
C ALA B 40 -6.34 22.84 -13.62
N ALA B 41 -7.04 23.70 -14.36
CA ALA B 41 -7.31 25.07 -13.91
C ALA B 41 -8.07 25.11 -12.57
N SER B 42 -9.10 24.29 -12.48
CA SER B 42 -9.97 24.21 -11.30
C SER B 42 -9.21 23.65 -10.10
N TYR B 43 -8.55 22.52 -10.31
CA TYR B 43 -7.78 21.84 -9.25
C TYR B 43 -6.60 22.66 -8.71
N LEU B 44 -5.73 23.16 -9.59
CA LEU B 44 -4.66 24.08 -9.21
C LEU B 44 -5.22 25.40 -8.66
N GLY B 45 -6.27 25.94 -9.28
CA GLY B 45 -6.85 27.19 -8.76
C GLY B 45 -7.31 26.99 -7.32
N LYS B 46 -7.92 25.83 -7.07
CA LYS B 46 -8.35 25.50 -5.75
C LYS B 46 -7.17 25.20 -4.80
N ALA B 47 -6.25 24.31 -5.20
CA ALA B 47 -5.14 23.92 -4.35
C ALA B 47 -4.24 25.10 -3.94
N LEU B 48 -3.99 26.02 -4.87
CA LEU B 48 -3.05 27.10 -4.67
C LEU B 48 -3.75 28.45 -4.54
N GLN B 49 -5.07 28.44 -4.30
CA GLN B 49 -5.88 29.69 -4.25
C GLN B 49 -5.20 30.89 -3.59
N GLY B 50 -5.04 31.94 -4.38
CA GLY B 50 -4.48 33.20 -3.94
C GLY B 50 -2.97 33.23 -3.85
N THR B 51 -2.28 32.16 -4.21
CA THR B 51 -0.82 32.18 -4.10
C THR B 51 -0.10 31.86 -5.41
N ALA B 52 -0.87 31.79 -6.50
CA ALA B 52 -0.33 31.63 -7.84
C ALA B 52 -1.31 32.23 -8.84
N ASP B 53 -0.78 32.95 -9.82
CA ASP B 53 -1.56 33.47 -10.96
C ASP B 53 -1.62 32.42 -12.06
N ILE B 54 -2.83 32.03 -12.42
CA ILE B 54 -3.03 30.94 -13.39
C ILE B 54 -3.70 31.49 -14.64
N THR B 55 -3.08 31.22 -15.79
CA THR B 55 -3.69 31.52 -17.10
C THR B 55 -3.87 30.24 -17.89
N LEU B 56 -5.03 30.09 -18.51
CA LEU B 56 -5.28 29.02 -19.46
C LEU B 56 -5.42 29.62 -20.85
N LEU B 57 -4.60 29.07 -21.75
CA LEU B 57 -4.55 29.49 -23.13
C LEU B 57 -5.20 28.39 -23.98
N GLN B 58 -6.20 28.77 -24.76
CA GLN B 58 -6.84 27.81 -25.66
C GLN B 58 -7.36 28.45 -26.92
N ALA B 59 -7.08 27.79 -28.04
CA ALA B 59 -7.65 28.16 -29.32
C ALA B 59 -9.02 27.50 -29.46
N PRO B 60 -10.04 28.22 -29.98
CA PRO B 60 -11.31 27.60 -30.39
C PRO B 60 -11.10 26.64 -31.58
N ASP B 61 -11.62 25.42 -31.47
CA ASP B 61 -11.44 24.37 -32.52
C ASP B 61 -12.79 23.83 -32.99
N ILE B 62 -12.80 23.15 -34.14
CA ILE B 62 -14.04 22.47 -34.60
C ILE B 62 -14.58 21.59 -33.45
N PRO B 63 -15.81 21.87 -33.01
CA PRO B 63 -16.32 21.06 -31.89
C PRO B 63 -16.82 19.69 -32.39
N THR B 64 -16.82 18.72 -31.49
CA THR B 64 -17.23 17.36 -31.80
C THR B 64 -18.60 17.08 -31.18
N LEU B 65 -19.32 16.13 -31.78
CA LEU B 65 -20.47 15.46 -31.15
C LEU B 65 -20.11 14.97 -29.76
N GLY B 66 -21.05 15.04 -28.82
CA GLY B 66 -20.83 14.48 -27.48
C GLY B 66 -21.07 12.99 -27.48
N VAL B 67 -20.00 12.20 -27.46
CA VAL B 67 -20.10 10.75 -27.63
C VAL B 67 -20.10 10.00 -26.28
N GLY B 68 -20.01 10.76 -25.19
CA GLY B 68 -20.22 10.26 -23.84
C GLY B 68 -18.93 9.88 -23.13
N GLU B 69 -18.91 10.06 -21.81
CA GLU B 69 -17.83 9.67 -20.89
C GLU B 69 -18.34 8.96 -19.67
N ALA B 70 -17.65 7.90 -19.30
CA ALA B 70 -18.02 7.10 -18.15
C ALA B 70 -16.91 7.36 -17.13
N THR B 71 -17.27 7.30 -15.85
CA THR B 71 -16.37 7.69 -14.78
C THR B 71 -16.41 6.64 -13.67
N ILE B 72 -15.68 6.92 -12.59
CA ILE B 72 -15.56 5.99 -11.45
C ILE B 72 -15.88 6.83 -10.20
N PRO B 73 -16.28 6.18 -9.07
CA PRO B 73 -16.81 6.93 -7.88
C PRO B 73 -15.91 8.01 -7.28
N ASN B 74 -14.60 7.85 -7.36
CA ASN B 74 -13.67 8.86 -6.80
C ASN B 74 -13.64 10.20 -7.53
N LEU B 75 -14.34 10.28 -8.67
CA LEU B 75 -14.64 11.60 -9.28
C LEU B 75 -15.25 12.60 -8.28
N GLN B 76 -16.25 12.16 -7.51
CA GLN B 76 -16.89 13.03 -6.53
C GLN B 76 -15.96 13.29 -5.34
N THR B 77 -15.36 12.22 -4.81
CA THR B 77 -14.57 12.33 -3.58
C THR B 77 -13.17 12.93 -3.75
N ALA B 78 -12.53 12.72 -4.91
CA ALA B 78 -11.18 13.24 -5.12
C ALA B 78 -11.17 14.50 -5.95
N PHE B 79 -12.24 14.71 -6.74
CA PHE B 79 -12.25 15.88 -7.60
C PHE B 79 -13.27 16.91 -7.15
N PHE B 80 -14.56 16.65 -7.33
CA PHE B 80 -15.56 17.63 -6.98
C PHE B 80 -15.61 18.00 -5.47
N ASP B 81 -15.41 17.03 -4.58
CA ASP B 81 -15.33 17.35 -3.13
C ASP B 81 -14.13 18.24 -2.84
N PHE B 82 -13.01 18.03 -3.54
CA PHE B 82 -11.84 18.87 -3.36
C PHE B 82 -12.14 20.35 -3.75
N LEU B 83 -12.88 20.51 -4.85
CA LEU B 83 -13.28 21.81 -5.38
C LEU B 83 -14.39 22.47 -4.52
N GLY B 84 -15.04 21.69 -3.67
CA GLY B 84 -16.15 22.19 -2.89
C GLY B 84 -17.48 22.15 -3.64
N ILE B 85 -17.58 21.31 -4.66
CA ILE B 85 -18.80 21.27 -5.48
C ILE B 85 -19.71 20.05 -5.14
N PRO B 86 -20.91 20.30 -4.57
CA PRO B 86 -21.83 19.20 -4.29
C PRO B 86 -22.17 18.38 -5.56
N GLU B 87 -22.31 17.07 -5.41
CA GLU B 87 -22.71 16.23 -6.51
C GLU B 87 -23.95 16.73 -7.26
N ASP B 88 -24.99 17.13 -6.53
CA ASP B 88 -26.22 17.67 -7.12
C ASP B 88 -25.99 18.85 -8.05
N GLU B 89 -25.05 19.71 -7.68
CA GLU B 89 -24.81 20.92 -8.45
C GLU B 89 -24.22 20.59 -9.82
N TRP B 90 -23.09 19.88 -9.85
CA TRP B 90 -22.44 19.63 -11.12
C TRP B 90 -23.27 18.71 -12.00
N MET B 91 -23.91 17.70 -11.42
CA MET B 91 -24.58 16.69 -12.22
C MET B 91 -25.84 17.24 -12.96
N ARG B 92 -26.51 18.21 -12.35
CA ARG B 92 -27.70 18.84 -12.94
C ARG B 92 -27.31 19.81 -14.05
N GLU B 93 -26.17 20.45 -13.86
CA GLU B 93 -25.57 21.30 -14.90
C GLU B 93 -25.08 20.50 -16.10
N CYS B 94 -24.68 19.26 -15.87
CA CYS B 94 -24.06 18.47 -16.91
C CYS B 94 -24.99 17.37 -17.42
N ASN B 95 -26.26 17.40 -16.98
CA ASN B 95 -27.27 16.44 -17.42
C ASN B 95 -26.79 14.98 -17.34
N ALA B 96 -26.21 14.65 -16.19
CA ALA B 96 -25.55 13.38 -15.96
C ALA B 96 -26.52 12.23 -15.63
N SER B 97 -26.09 11.03 -15.94
CA SER B 97 -26.85 9.84 -15.51
C SER B 97 -25.91 9.05 -14.59
N TYR B 98 -26.40 7.90 -14.11
CA TYR B 98 -25.69 7.05 -13.16
C TYR B 98 -25.11 5.78 -13.77
N LYS B 99 -23.96 5.39 -13.24
CA LYS B 99 -23.26 4.20 -13.65
C LYS B 99 -22.95 3.32 -12.43
N VAL B 100 -23.41 2.07 -12.45
CA VAL B 100 -23.18 1.12 -11.36
C VAL B 100 -22.10 0.07 -11.73
N ALA B 101 -21.80 -0.05 -13.03
CA ALA B 101 -20.94 -1.13 -13.51
C ALA B 101 -20.62 -0.93 -14.97
N ILE B 102 -19.64 -1.69 -15.44
CA ILE B 102 -19.49 -1.95 -16.88
C ILE B 102 -20.06 -3.35 -17.14
N LYS B 103 -20.95 -3.43 -18.12
CA LYS B 103 -21.49 -4.71 -18.56
C LYS B 103 -20.76 -5.13 -19.84
N PHE B 104 -20.00 -6.22 -19.74
CA PHE B 104 -19.26 -6.81 -20.87
C PHE B 104 -20.09 -7.84 -21.64
N ILE B 105 -20.39 -7.50 -22.89
CA ILE B 105 -21.29 -8.23 -23.76
C ILE B 105 -20.57 -8.88 -24.96
N ASN B 106 -20.68 -10.19 -25.04
CA ASN B 106 -20.25 -10.96 -26.22
C ASN B 106 -18.74 -11.12 -26.30
N TRP B 107 -18.08 -11.04 -25.16
CA TRP B 107 -16.62 -11.22 -25.10
C TRP B 107 -16.18 -12.68 -25.15
N ARG B 108 -17.15 -13.59 -25.00
CA ARG B 108 -16.85 -15.03 -24.88
C ARG B 108 -17.43 -15.84 -26.02
N THR B 109 -18.13 -15.20 -26.95
CA THR B 109 -18.82 -15.91 -28.02
C THR B 109 -18.50 -15.28 -29.38
N ALA B 110 -18.43 -16.13 -30.38
CA ALA B 110 -18.10 -15.79 -31.75
C ALA B 110 -19.28 -15.09 -32.45
N GLY B 111 -18.97 -14.11 -33.28
CA GLY B 111 -19.96 -13.58 -34.22
C GLY B 111 -19.74 -12.11 -34.54
N GLU B 112 -20.70 -11.56 -35.24
CA GLU B 112 -20.76 -10.16 -35.68
C GLU B 112 -20.88 -9.19 -34.50
N GLY B 113 -20.56 -7.92 -34.73
CA GLY B 113 -20.83 -6.85 -33.78
C GLY B 113 -22.32 -6.58 -33.64
N THR B 114 -22.89 -6.90 -32.49
CA THR B 114 -24.35 -6.75 -32.32
C THR B 114 -24.65 -6.14 -30.95
N SER B 115 -25.72 -5.38 -30.82
CA SER B 115 -26.04 -4.85 -29.49
C SER B 115 -26.68 -5.92 -28.55
N GLU B 116 -27.19 -6.99 -29.14
CA GLU B 116 -27.82 -8.12 -28.39
C GLU B 116 -26.84 -9.17 -27.94
N ALA B 117 -26.87 -9.51 -26.64
CA ALA B 117 -26.07 -10.63 -26.13
C ALA B 117 -26.44 -11.98 -26.76
N ARG B 118 -25.42 -12.71 -27.23
CA ARG B 118 -25.57 -14.08 -27.69
C ARG B 118 -25.80 -14.99 -26.47
N GLU B 119 -26.24 -16.22 -26.73
CA GLU B 119 -26.40 -17.23 -25.68
C GLU B 119 -25.09 -17.96 -25.40
N LEU B 120 -24.86 -18.22 -24.13
CA LEU B 120 -23.70 -18.93 -23.68
C LEU B 120 -24.15 -19.71 -22.44
N ASP B 121 -24.02 -21.03 -22.44
CA ASP B 121 -24.31 -21.86 -21.25
C ASP B 121 -25.67 -21.58 -20.60
N GLY B 122 -26.68 -21.38 -21.44
CA GLY B 122 -28.06 -21.24 -20.95
C GLY B 122 -28.52 -19.82 -20.59
N GLY B 123 -27.66 -18.83 -20.73
CA GLY B 123 -28.04 -17.43 -20.47
C GLY B 123 -27.28 -16.50 -21.38
N PRO B 124 -27.51 -15.17 -21.26
CA PRO B 124 -26.83 -14.23 -22.13
C PRO B 124 -25.33 -14.16 -21.87
N ASP B 125 -24.55 -13.91 -22.91
CA ASP B 125 -23.11 -13.73 -22.76
C ASP B 125 -22.80 -12.32 -22.21
N HIS B 126 -22.93 -12.14 -20.91
CA HIS B 126 -22.50 -10.90 -20.28
C HIS B 126 -21.91 -11.20 -18.91
N PHE B 127 -21.02 -10.33 -18.47
CA PHE B 127 -20.65 -10.30 -17.07
C PHE B 127 -20.44 -8.84 -16.65
N TYR B 128 -20.49 -8.60 -15.35
CA TYR B 128 -20.34 -7.26 -14.83
C TYR B 128 -19.01 -7.03 -14.11
N HIS B 129 -18.45 -5.87 -14.38
CA HIS B 129 -17.41 -5.30 -13.54
C HIS B 129 -18.07 -4.19 -12.72
N SER B 130 -18.48 -4.48 -11.48
CA SER B 130 -19.15 -3.51 -10.61
C SER B 130 -18.15 -2.80 -9.71
N PHE B 131 -18.56 -1.64 -9.19
CA PHE B 131 -17.86 -0.95 -8.09
C PHE B 131 -18.04 -1.66 -6.75
N GLY B 132 -17.25 -1.22 -5.77
CA GLY B 132 -17.20 -1.85 -4.46
C GLY B 132 -15.99 -2.78 -4.32
N LEU B 133 -15.93 -3.42 -3.16
CA LEU B 133 -14.91 -4.43 -2.84
C LEU B 133 -15.59 -5.74 -2.40
N LEU B 134 -14.97 -6.87 -2.72
CA LEU B 134 -15.43 -8.16 -2.19
C LEU B 134 -15.33 -8.19 -0.69
N LYS B 135 -16.31 -8.82 -0.07
CA LYS B 135 -16.26 -9.03 1.37
C LYS B 135 -15.15 -10.03 1.74
N TYR B 136 -14.45 -9.75 2.84
CA TYR B 136 -13.53 -10.72 3.43
C TYR B 136 -14.31 -11.66 4.32
N HIS B 137 -13.98 -12.95 4.26
CA HIS B 137 -14.52 -13.89 5.24
C HIS B 137 -13.35 -14.63 5.83
N GLU B 138 -13.18 -14.52 7.14
CA GLU B 138 -11.99 -15.05 7.83
C GLU B 138 -10.69 -14.68 7.11
N GLN B 139 -10.53 -13.39 6.78
CA GLN B 139 -9.29 -12.84 6.19
C GLN B 139 -9.11 -13.16 4.69
N ILE B 140 -10.08 -13.85 4.09
CA ILE B 140 -9.95 -14.27 2.69
C ILE B 140 -11.09 -13.67 1.83
N PRO B 141 -10.75 -13.09 0.65
CA PRO B 141 -11.80 -12.51 -0.22
C PRO B 141 -12.82 -13.53 -0.64
N LEU B 142 -14.06 -13.09 -0.81
CA LEU B 142 -15.18 -13.97 -1.17
C LEU B 142 -14.94 -14.75 -2.49
N SER B 143 -14.21 -14.13 -3.43
CA SER B 143 -13.76 -14.75 -4.69
C SER B 143 -13.18 -16.15 -4.50
N HIS B 144 -12.41 -16.34 -3.44
CA HIS B 144 -11.71 -17.60 -3.19
C HIS B 144 -12.65 -18.70 -2.74
N TYR B 145 -13.70 -18.30 -2.01
CA TYR B 145 -14.72 -19.22 -1.56
C TYR B 145 -15.62 -19.56 -2.73
N TRP B 146 -15.94 -18.56 -3.54
CA TRP B 146 -16.71 -18.81 -4.73
C TRP B 146 -15.97 -19.84 -5.60
N PHE B 147 -14.66 -19.66 -5.83
CA PHE B 147 -13.97 -20.54 -6.77
C PHE B 147 -13.79 -21.95 -6.20
N ASP B 148 -13.55 -22.04 -4.89
CA ASP B 148 -13.50 -23.33 -4.22
C ASP B 148 -14.79 -24.13 -4.49
N ARG B 149 -15.92 -23.49 -4.30
CA ARG B 149 -17.23 -24.12 -4.53
C ARG B 149 -17.44 -24.46 -5.99
N SER B 150 -17.04 -23.56 -6.89
CA SER B 150 -17.17 -23.75 -8.35
C SER B 150 -16.35 -24.95 -8.82
N TYR B 151 -15.07 -24.95 -8.44
CA TYR B 151 -14.10 -26.01 -8.76
C TYR B 151 -14.53 -27.43 -8.30
N ARG B 152 -15.16 -27.51 -7.13
CA ARG B 152 -15.56 -28.78 -6.55
C ARG B 152 -16.98 -29.12 -6.98
N GLY B 153 -17.53 -28.31 -7.89
CA GLY B 153 -18.85 -28.51 -8.42
C GLY B 153 -20.00 -28.32 -7.44
N LYS B 154 -19.79 -27.50 -6.41
CA LYS B 154 -20.87 -27.16 -5.48
C LYS B 154 -21.73 -26.02 -6.03
N THR B 155 -21.21 -25.27 -7.00
CA THR B 155 -21.99 -24.23 -7.68
C THR B 155 -21.68 -24.19 -9.18
N VAL B 156 -22.64 -23.72 -9.98
CA VAL B 156 -22.36 -23.31 -11.37
C VAL B 156 -22.66 -21.84 -11.60
N GLU B 157 -22.99 -21.15 -10.51
CA GLU B 157 -23.26 -19.73 -10.56
C GLU B 157 -22.02 -18.89 -10.93
N PRO B 158 -22.19 -17.91 -11.85
CA PRO B 158 -21.05 -17.06 -12.18
C PRO B 158 -20.58 -16.30 -10.96
N PHE B 159 -19.29 -15.96 -11.00
CA PHE B 159 -18.65 -15.19 -9.98
C PHE B 159 -19.38 -13.90 -9.65
N ASP B 160 -19.68 -13.10 -10.67
CA ASP B 160 -20.32 -11.80 -10.41
C ASP B 160 -21.68 -11.94 -9.70
N TYR B 161 -22.50 -12.89 -10.13
CA TYR B 161 -23.82 -13.14 -9.50
C TYR B 161 -23.76 -13.72 -8.09
N ALA B 162 -22.69 -14.48 -7.81
CA ALA B 162 -22.48 -15.08 -6.50
C ALA B 162 -21.98 -14.07 -5.48
N CYS B 163 -21.09 -13.16 -5.92
CA CYS B 163 -20.36 -12.33 -4.98
C CYS B 163 -20.80 -10.89 -4.90
N TYR B 164 -21.61 -10.44 -5.88
CA TYR B 164 -22.08 -9.05 -5.90
C TYR B 164 -23.60 -9.04 -5.96
N LYS B 165 -24.21 -8.15 -5.19
CA LYS B 165 -25.67 -7.89 -5.30
C LYS B 165 -26.08 -7.16 -6.58
N GLU B 166 -25.12 -6.47 -7.23
CA GLU B 166 -25.41 -5.54 -8.32
C GLU B 166 -25.98 -6.17 -9.59
N PRO B 167 -25.39 -7.28 -10.08
CA PRO B 167 -25.86 -7.87 -11.34
C PRO B 167 -27.38 -8.04 -11.40
N VAL B 168 -27.99 -8.49 -10.31
CA VAL B 168 -29.45 -8.73 -10.29
C VAL B 168 -30.24 -7.43 -10.49
N ILE B 169 -29.86 -6.37 -9.79
CA ILE B 169 -30.56 -5.10 -9.92
C ILE B 169 -30.22 -4.34 -11.23
N LEU B 170 -29.04 -4.62 -11.79
CA LEU B 170 -28.63 -4.00 -13.07
C LEU B 170 -29.37 -4.65 -14.23
N ASP B 171 -29.69 -5.93 -14.07
CA ASP B 171 -30.49 -6.66 -15.04
C ASP B 171 -31.88 -6.07 -15.13
N ALA B 172 -32.34 -5.44 -14.04
CA ALA B 172 -33.67 -4.86 -14.00
C ALA B 172 -33.62 -3.33 -14.12
N ASN B 173 -32.45 -2.79 -14.52
CA ASN B 173 -32.24 -1.34 -14.73
C ASN B 173 -32.63 -0.50 -13.52
N ARG B 174 -32.34 -1.02 -12.33
CA ARG B 174 -32.65 -0.34 -11.07
C ARG B 174 -31.75 0.88 -10.81
N SER B 175 -32.31 1.85 -10.08
CA SER B 175 -31.56 3.01 -9.62
C SER B 175 -30.58 2.58 -8.49
N PRO B 176 -29.39 3.21 -8.43
CA PRO B 176 -28.51 3.06 -7.25
C PRO B 176 -28.97 3.86 -6.02
N ARG B 177 -29.99 4.71 -6.20
CA ARG B 177 -30.61 5.51 -5.13
C ARG B 177 -32.12 5.22 -5.05
N ARG B 178 -32.61 5.10 -3.82
CA ARG B 178 -34.03 5.05 -3.52
C ARG B 178 -34.66 6.42 -3.77
N LEU B 179 -35.97 6.48 -3.93
CA LEU B 179 -36.62 7.76 -4.20
C LEU B 179 -36.39 8.78 -3.09
N ASP B 180 -36.23 8.32 -1.85
CA ASP B 180 -35.85 9.21 -0.72
C ASP B 180 -34.38 9.67 -0.76
N GLY B 181 -33.64 9.27 -1.80
CA GLY B 181 -32.27 9.73 -2.00
C GLY B 181 -31.22 8.74 -1.49
N SER B 182 -31.63 7.77 -0.68
CA SER B 182 -30.67 6.90 -0.04
C SER B 182 -29.98 5.96 -1.04
N LYS B 183 -28.67 5.85 -0.86
CA LYS B 183 -27.77 5.13 -1.74
C LYS B 183 -27.72 3.66 -1.30
N VAL B 184 -27.91 2.73 -2.25
CA VAL B 184 -27.86 1.29 -1.94
C VAL B 184 -26.61 0.59 -2.51
N THR B 185 -25.84 1.32 -3.29
CA THR B 185 -24.67 0.77 -3.95
C THR B 185 -23.63 1.87 -4.26
N ASN B 186 -22.41 1.47 -4.59
CA ASN B 186 -21.43 2.40 -5.12
C ASN B 186 -21.69 2.68 -6.58
N TYR B 187 -21.61 3.95 -6.96
CA TYR B 187 -21.92 4.30 -8.33
C TYR B 187 -21.09 5.47 -8.82
N ALA B 188 -21.02 5.62 -10.13
CA ALA B 188 -20.40 6.81 -10.71
C ALA B 188 -21.31 7.39 -11.82
N TRP B 189 -20.74 8.05 -12.83
CA TRP B 189 -21.57 8.92 -13.71
C TRP B 189 -21.31 8.74 -15.19
N HIS B 190 -22.35 8.99 -15.98
CA HIS B 190 -22.27 9.10 -17.43
C HIS B 190 -22.63 10.54 -17.79
N PHE B 191 -21.85 11.17 -18.67
CA PHE B 191 -22.14 12.54 -19.09
C PHE B 191 -21.40 12.91 -20.37
N ASP B 192 -21.82 14.04 -20.92
CA ASP B 192 -21.19 14.62 -22.07
C ASP B 192 -20.03 15.48 -21.52
N ALA B 193 -18.80 15.03 -21.75
CA ALA B 193 -17.61 15.71 -21.23
C ALA B 193 -17.53 17.21 -21.54
N HIS B 194 -18.12 17.64 -22.65
CA HIS B 194 -18.17 19.07 -23.01
C HIS B 194 -18.90 19.92 -21.99
N LEU B 195 -19.97 19.37 -21.45
CA LEU B 195 -20.75 20.07 -20.43
C LEU B 195 -19.97 20.22 -19.12
N VAL B 196 -19.22 19.17 -18.76
CA VAL B 196 -18.33 19.26 -17.62
C VAL B 196 -17.18 20.25 -17.88
N ALA B 197 -16.59 20.24 -19.09
CA ALA B 197 -15.52 21.21 -19.39
C ALA B 197 -16.09 22.62 -19.25
N ASP B 198 -17.30 22.83 -19.74
CA ASP B 198 -17.88 24.17 -19.71
C ASP B 198 -18.25 24.65 -18.28
N PHE B 199 -18.82 23.74 -17.50
CA PHE B 199 -19.11 23.95 -16.09
C PHE B 199 -17.84 24.36 -15.33
N LEU B 200 -16.77 23.61 -15.55
CA LEU B 200 -15.47 23.88 -14.94
C LEU B 200 -14.78 25.17 -15.43
N ARG B 201 -14.95 25.51 -16.70
CA ARG B 201 -14.47 26.82 -17.21
C ARG B 201 -15.14 27.98 -16.47
N ARG B 202 -16.47 27.94 -16.34
CA ARG B 202 -17.24 28.91 -15.57
C ARG B 202 -16.75 28.95 -14.11
N PHE B 203 -16.65 27.79 -13.44
CA PHE B 203 -16.13 27.71 -12.07
C PHE B 203 -14.74 28.34 -11.88
N ALA B 204 -13.77 27.89 -12.67
CA ALA B 204 -12.39 28.36 -12.55
C ALA B 204 -12.21 29.87 -12.83
N THR B 205 -12.89 30.38 -13.85
CA THR B 205 -12.79 31.79 -14.23
C THR B 205 -13.58 32.70 -13.27
N GLU B 206 -14.76 32.24 -12.86
CA GLU B 206 -15.68 33.02 -12.02
C GLU B 206 -15.43 32.92 -10.52
N LYS B 207 -15.04 31.74 -10.03
CA LYS B 207 -14.84 31.53 -8.59
C LYS B 207 -13.36 31.53 -8.18
N LEU B 208 -12.47 31.12 -9.08
CA LEU B 208 -11.07 30.91 -8.74
C LEU B 208 -10.10 31.91 -9.36
N GLY B 209 -10.61 32.86 -10.13
CA GLY B 209 -9.79 33.90 -10.73
C GLY B 209 -8.76 33.42 -11.73
N VAL B 210 -9.03 32.31 -12.41
CA VAL B 210 -8.20 31.84 -13.51
C VAL B 210 -8.44 32.73 -14.74
N ARG B 211 -7.37 33.20 -15.37
CA ARG B 211 -7.46 34.00 -16.57
C ARG B 211 -7.55 33.10 -17.79
N HIS B 212 -8.59 33.31 -18.58
CA HIS B 212 -8.82 32.56 -19.81
C HIS B 212 -8.45 33.43 -21.03
N VAL B 213 -7.50 32.96 -21.82
CA VAL B 213 -7.10 33.67 -23.03
C VAL B 213 -7.40 32.80 -24.23
N GLU B 214 -8.15 33.35 -25.19
CA GLU B 214 -8.45 32.63 -26.40
C GLU B 214 -7.44 33.00 -27.48
N ASP B 215 -6.45 32.14 -27.67
CA ASP B 215 -5.39 32.38 -28.62
C ASP B 215 -4.67 31.08 -28.94
N ARG B 216 -3.90 31.11 -30.02
CA ARG B 216 -3.29 29.92 -30.58
C ARG B 216 -1.77 29.99 -30.39
N VAL B 217 -1.19 29.03 -29.69
CA VAL B 217 0.29 28.99 -29.56
C VAL B 217 0.94 28.92 -30.95
N GLU B 218 1.85 29.84 -31.22
CA GLU B 218 2.63 29.83 -32.45
C GLU B 218 4.09 29.41 -32.20
N HIS B 219 4.63 29.73 -31.03
CA HIS B 219 6.05 29.48 -30.74
C HIS B 219 6.32 29.24 -29.26
N VAL B 220 7.12 28.23 -28.94
CA VAL B 220 7.50 27.96 -27.56
C VAL B 220 8.96 28.29 -27.40
N GLN B 221 9.26 29.24 -26.53
CA GLN B 221 10.63 29.66 -26.31
C GLN B 221 11.24 28.92 -25.10
N ARG B 222 12.32 28.19 -25.35
CA ARG B 222 13.02 27.50 -24.26
C ARG B 222 14.34 28.19 -23.94
N ASP B 223 14.80 28.03 -22.71
CA ASP B 223 16.09 28.58 -22.32
C ASP B 223 17.19 27.49 -22.48
N ALA B 224 18.40 27.83 -22.07
CA ALA B 224 19.57 26.99 -22.26
C ALA B 224 19.61 25.80 -21.29
N ASN B 225 18.79 25.84 -20.23
CA ASN B 225 18.54 24.64 -19.40
C ASN B 225 17.47 23.71 -19.98
N GLY B 226 16.88 24.09 -21.10
CA GLY B 226 15.84 23.31 -21.68
C GLY B 226 14.48 23.57 -21.09
N ASN B 227 14.36 24.54 -20.19
CA ASN B 227 13.03 24.86 -19.62
C ASN B 227 12.27 25.79 -20.51
N ILE B 228 10.94 25.78 -20.41
CA ILE B 228 10.16 26.73 -21.17
C ILE B 228 10.22 28.11 -20.51
N GLU B 229 10.50 29.11 -21.31
CA GLU B 229 10.60 30.48 -20.84
C GLU B 229 9.25 31.16 -21.01
N SER B 230 8.68 31.02 -22.21
CA SER B 230 7.42 31.65 -22.56
C SER B 230 6.77 30.97 -23.75
N VAL B 231 5.48 31.20 -23.94
CA VAL B 231 4.90 30.87 -25.24
C VAL B 231 4.43 32.15 -25.95
N ARG B 232 4.69 32.24 -27.25
CA ARG B 232 4.20 33.32 -28.09
C ARG B 232 3.01 32.84 -28.92
N THR B 233 1.94 33.62 -28.92
CA THR B 233 0.75 33.25 -29.64
C THR B 233 0.68 33.86 -31.03
N ALA B 234 -0.32 33.46 -31.82
CA ALA B 234 -0.54 33.97 -33.17
C ALA B 234 -0.80 35.49 -33.24
N THR B 235 -1.23 36.10 -32.13
CA THR B 235 -1.49 37.57 -32.09
C THR B 235 -0.23 38.32 -31.67
N GLY B 236 0.79 37.57 -31.26
CA GLY B 236 2.07 38.16 -30.89
C GLY B 236 2.18 38.37 -29.40
N ARG B 237 1.18 37.95 -28.63
CA ARG B 237 1.23 38.04 -27.17
C ARG B 237 2.18 36.99 -26.62
N VAL B 238 2.99 37.37 -25.62
CA VAL B 238 3.99 36.48 -25.02
C VAL B 238 3.54 36.21 -23.59
N PHE B 239 3.40 34.93 -23.26
CA PHE B 239 3.01 34.48 -21.94
C PHE B 239 4.16 33.74 -21.28
N ASP B 240 4.77 34.37 -20.29
CA ASP B 240 5.74 33.68 -19.44
C ASP B 240 5.11 33.10 -18.17
N ALA B 241 5.82 32.18 -17.52
CA ALA B 241 5.34 31.52 -16.31
C ALA B 241 6.50 30.73 -15.75
N ASP B 242 6.34 30.27 -14.51
CA ASP B 242 7.31 29.42 -13.84
C ASP B 242 7.07 27.92 -14.11
N LEU B 243 5.82 27.58 -14.38
CA LEU B 243 5.41 26.19 -14.56
C LEU B 243 4.39 26.14 -15.69
N PHE B 244 4.59 25.22 -16.60
CA PHE B 244 3.70 25.09 -17.76
C PHE B 244 3.04 23.74 -17.69
N VAL B 245 1.71 23.75 -17.85
CA VAL B 245 0.89 22.55 -17.77
C VAL B 245 0.39 22.30 -19.20
N ASP B 246 0.81 21.16 -19.76
CA ASP B 246 0.46 20.81 -21.13
C ASP B 246 -0.82 19.99 -21.16
N CYS B 247 -1.93 20.64 -21.57
CA CYS B 247 -3.19 19.98 -21.76
C CYS B 247 -3.60 20.09 -23.23
N SER B 248 -2.62 20.04 -24.12
CA SER B 248 -2.90 20.22 -25.54
C SER B 248 -3.43 18.95 -26.22
N GLY B 249 -3.59 17.84 -25.50
CA GLY B 249 -4.18 16.64 -26.13
C GLY B 249 -3.08 15.86 -26.84
N PHE B 250 -3.47 15.03 -27.80
CA PHE B 250 -2.54 14.12 -28.51
C PHE B 250 -1.35 14.83 -29.16
N ARG B 251 -1.50 16.09 -29.52
CA ARG B 251 -0.41 16.88 -30.08
C ARG B 251 0.81 17.06 -29.17
N GLY B 252 0.61 17.07 -27.85
CA GLY B 252 1.74 17.33 -26.92
C GLY B 252 2.54 18.54 -27.36
N LEU B 253 1.82 19.63 -27.63
CA LEU B 253 2.43 20.90 -28.02
C LEU B 253 3.69 21.25 -27.22
N LEU B 254 3.62 21.13 -25.89
CA LEU B 254 4.75 21.48 -25.03
C LEU B 254 5.64 20.28 -24.73
N ILE B 255 5.05 19.23 -24.17
CA ILE B 255 5.86 18.10 -23.71
C ILE B 255 6.57 17.35 -24.85
N ASN B 256 5.87 17.15 -25.97
CA ASN B 256 6.48 16.46 -27.13
C ASN B 256 7.10 17.40 -28.17
N LYS B 257 6.35 18.38 -28.65
CA LYS B 257 6.86 19.25 -29.70
C LYS B 257 7.99 20.19 -29.19
N ALA B 258 7.77 20.90 -28.08
CA ALA B 258 8.79 21.79 -27.55
C ALA B 258 9.88 21.06 -26.77
N MET B 259 9.49 20.28 -25.77
CA MET B 259 10.46 19.60 -24.89
C MET B 259 11.10 18.36 -25.52
N GLU B 260 10.53 17.89 -26.64
CA GLU B 260 11.06 16.75 -27.40
C GLU B 260 11.06 15.44 -26.60
N GLU B 261 10.17 15.34 -25.62
CA GLU B 261 10.10 14.11 -24.87
C GLU B 261 9.50 12.97 -25.77
N PRO B 262 10.19 11.82 -25.83
CA PRO B 262 9.74 10.67 -26.57
C PRO B 262 8.39 10.17 -26.04
N PHE B 263 7.59 9.73 -26.98
CA PHE B 263 6.34 9.06 -26.66
C PHE B 263 6.56 7.57 -26.83
N LEU B 264 6.13 6.77 -25.84
CA LEU B 264 6.25 5.31 -25.91
C LEU B 264 4.95 4.71 -26.43
N ASP B 265 5.02 4.24 -27.65
CA ASP B 265 3.91 3.57 -28.28
C ASP B 265 3.78 2.20 -27.60
N MET B 266 2.58 1.80 -27.24
CA MET B 266 2.41 0.56 -26.50
C MET B 266 1.62 -0.46 -27.32
N SER B 267 1.77 -0.44 -28.65
CA SER B 267 1.01 -1.35 -29.53
C SER B 267 1.50 -2.83 -29.47
N ASP B 268 2.62 -3.09 -28.80
CA ASP B 268 2.91 -4.47 -28.45
C ASP B 268 2.03 -5.00 -27.29
N HIS B 269 1.23 -4.13 -26.69
CA HIS B 269 0.28 -4.55 -25.67
C HIS B 269 -1.18 -4.27 -26.02
N LEU B 270 -1.39 -3.22 -26.81
CA LEU B 270 -2.71 -2.73 -27.15
C LEU B 270 -2.86 -2.50 -28.67
N LEU B 271 -3.65 -3.33 -29.32
CA LEU B 271 -3.82 -3.22 -30.76
C LEU B 271 -4.82 -2.13 -31.17
N ASN B 272 -5.75 -1.74 -30.30
CA ASN B 272 -6.80 -0.76 -30.66
C ASN B 272 -6.25 0.67 -30.66
N ASP B 273 -6.46 1.37 -31.77
CA ASP B 273 -5.85 2.69 -31.95
C ASP B 273 -6.80 3.70 -32.61
N SER B 274 -8.08 3.33 -32.74
CA SER B 274 -9.02 4.10 -33.53
C SER B 274 -10.44 3.95 -32.98
N ALA B 275 -11.32 4.89 -33.33
CA ALA B 275 -12.71 4.82 -32.98
C ALA B 275 -13.55 5.55 -34.00
N VAL B 276 -14.78 5.07 -34.17
CA VAL B 276 -15.79 5.82 -34.89
C VAL B 276 -16.95 5.92 -33.91
N ALA B 277 -17.49 7.13 -33.72
CA ALA B 277 -18.37 7.41 -32.59
C ALA B 277 -19.50 8.37 -32.99
N THR B 278 -20.64 8.22 -32.32
CA THR B 278 -21.75 9.15 -32.51
C THR B 278 -22.62 9.22 -31.24
N GLN B 279 -23.72 9.96 -31.35
CA GLN B 279 -24.70 10.04 -30.29
C GLN B 279 -26.04 9.66 -30.91
N VAL B 280 -26.84 8.86 -30.22
CA VAL B 280 -28.13 8.38 -30.72
C VAL B 280 -29.21 8.89 -29.78
N PRO B 281 -30.24 9.57 -30.31
CA PRO B 281 -31.42 9.87 -29.48
C PRO B 281 -32.06 8.63 -28.85
N HIS B 282 -32.58 8.80 -27.63
CA HIS B 282 -33.20 7.69 -26.92
C HIS B 282 -34.50 8.13 -26.24
N ASP B 283 -35.58 7.37 -26.42
CA ASP B 283 -36.84 7.61 -25.71
C ASP B 283 -36.79 6.89 -24.34
N ASP B 284 -36.48 7.63 -23.28
CA ASP B 284 -36.30 7.07 -21.94
C ASP B 284 -37.64 6.68 -21.31
N ASP B 285 -38.73 7.34 -21.72
CA ASP B 285 -40.08 6.98 -21.29
C ASP B 285 -40.55 5.62 -21.78
N ALA B 286 -40.16 5.23 -22.99
CA ALA B 286 -40.60 3.97 -23.57
C ALA B 286 -39.73 2.84 -23.07
N ASN B 287 -38.45 3.13 -22.88
CA ASN B 287 -37.44 2.08 -22.70
C ASN B 287 -36.70 2.06 -21.35
N GLY B 288 -36.81 3.14 -20.58
CA GLY B 288 -35.97 3.30 -19.39
C GLY B 288 -34.54 3.64 -19.76
N VAL B 289 -33.67 3.73 -18.74
CA VAL B 289 -32.26 4.08 -18.87
C VAL B 289 -31.46 2.95 -18.18
N GLU B 290 -30.40 2.47 -18.82
CA GLU B 290 -29.53 1.46 -18.21
C GLU B 290 -28.53 2.11 -17.25
N PRO B 291 -28.47 1.61 -15.99
CA PRO B 291 -27.53 2.07 -14.94
C PRO B 291 -26.08 1.51 -15.09
N PHE B 292 -25.62 1.39 -16.32
CA PHE B 292 -24.32 0.77 -16.61
C PHE B 292 -23.80 1.23 -17.96
N THR B 293 -22.48 1.29 -18.09
CA THR B 293 -21.83 1.35 -19.39
C THR B 293 -21.84 -0.05 -19.97
N SER B 294 -22.14 -0.17 -21.26
CA SER B 294 -21.93 -1.44 -21.97
C SER B 294 -20.59 -1.41 -22.73
N ALA B 295 -19.90 -2.55 -22.69
CA ALA B 295 -18.73 -2.77 -23.53
C ALA B 295 -19.01 -4.00 -24.35
N ILE B 296 -19.21 -3.76 -25.63
CA ILE B 296 -19.81 -4.76 -26.49
C ILE B 296 -18.72 -5.21 -27.44
N ALA B 297 -18.33 -6.48 -27.33
CA ALA B 297 -17.31 -7.04 -28.20
C ALA B 297 -17.72 -7.01 -29.68
N MET B 298 -16.77 -6.63 -30.53
CA MET B 298 -16.96 -6.52 -31.99
C MET B 298 -16.00 -7.46 -32.67
N LYS B 299 -16.01 -7.52 -34.00
CA LYS B 299 -15.06 -8.42 -34.69
C LYS B 299 -13.60 -7.93 -34.58
N SER B 300 -13.42 -6.62 -34.55
CA SER B 300 -12.07 -6.04 -34.54
C SER B 300 -11.90 -4.97 -33.46
N GLY B 301 -12.64 -5.13 -32.36
CA GLY B 301 -12.52 -4.24 -31.21
C GLY B 301 -13.72 -4.40 -30.29
N TRP B 302 -14.23 -3.29 -29.76
CA TRP B 302 -15.42 -3.31 -28.92
C TRP B 302 -16.09 -1.94 -29.01
N THR B 303 -17.37 -1.88 -28.65
CA THR B 303 -18.15 -0.66 -28.76
C THR B 303 -18.68 -0.26 -27.38
N TRP B 304 -18.48 1.01 -27.01
CA TRP B 304 -19.06 1.50 -25.78
C TRP B 304 -20.51 1.95 -26.02
N LYS B 305 -21.32 1.84 -24.97
CA LYS B 305 -22.61 2.49 -24.92
C LYS B 305 -22.70 3.19 -23.57
N ILE B 306 -22.94 4.49 -23.60
CA ILE B 306 -22.92 5.35 -22.41
C ILE B 306 -24.26 6.10 -22.37
N PRO B 307 -25.27 5.52 -21.67
CA PRO B 307 -26.59 6.17 -21.51
C PRO B 307 -26.47 7.50 -20.78
N MET B 308 -27.09 8.51 -21.36
CA MET B 308 -27.22 9.83 -20.76
C MET B 308 -28.72 10.08 -20.70
N LEU B 309 -29.15 11.34 -20.61
CA LEU B 309 -30.57 11.68 -20.55
C LEU B 309 -31.15 11.93 -21.97
N GLY B 310 -32.07 11.05 -22.38
CA GLY B 310 -32.70 11.16 -23.72
C GLY B 310 -31.81 10.85 -24.91
N ARG B 311 -30.65 10.21 -24.66
CA ARG B 311 -29.65 9.89 -25.69
C ARG B 311 -28.61 8.93 -25.13
N PHE B 312 -27.94 8.18 -26.00
CA PHE B 312 -26.73 7.45 -25.61
C PHE B 312 -25.54 7.78 -26.50
N GLY B 313 -24.35 7.82 -25.90
CA GLY B 313 -23.14 8.01 -26.66
C GLY B 313 -22.67 6.61 -26.93
N THR B 314 -22.07 6.39 -28.09
CA THR B 314 -21.61 5.05 -28.50
C THR B 314 -20.42 5.23 -29.46
N GLY B 315 -19.40 4.37 -29.33
CA GLY B 315 -18.23 4.43 -30.17
C GLY B 315 -17.59 3.05 -30.31
N TYR B 316 -17.27 2.70 -31.56
CA TYR B 316 -16.52 1.48 -31.86
C TYR B 316 -15.00 1.79 -31.82
N VAL B 317 -14.34 1.29 -30.77
CA VAL B 317 -12.88 1.24 -30.65
C VAL B 317 -12.34 0.03 -31.41
N TYR B 318 -11.45 0.27 -32.37
CA TYR B 318 -11.03 -0.83 -33.26
C TYR B 318 -9.54 -0.70 -33.56
N SER B 319 -8.96 -1.78 -34.09
CA SER B 319 -7.56 -1.79 -34.46
C SER B 319 -7.43 -1.52 -35.96
N SER B 320 -6.74 -0.43 -36.31
CA SER B 320 -6.49 -0.15 -37.71
C SER B 320 -5.72 -1.29 -38.40
N ARG B 321 -5.07 -2.15 -37.62
CA ARG B 321 -4.38 -3.30 -38.22
C ARG B 321 -5.33 -4.37 -38.78
N PHE B 322 -6.58 -4.36 -38.32
CA PHE B 322 -7.52 -5.45 -38.54
C PHE B 322 -8.80 -5.01 -39.22
N ALA B 323 -9.05 -3.69 -39.25
CA ALA B 323 -10.19 -3.13 -39.97
C ALA B 323 -9.83 -1.76 -40.56
N THR B 324 -10.30 -1.50 -41.76
CA THR B 324 -10.13 -0.17 -42.36
C THR B 324 -11.16 0.75 -41.68
N GLU B 325 -11.00 2.05 -41.84
CA GLU B 325 -11.97 3.00 -41.34
C GLU B 325 -13.36 2.73 -41.95
N ASP B 326 -13.39 2.44 -43.24
CA ASP B 326 -14.64 2.15 -43.92
C ASP B 326 -15.34 0.93 -43.35
N GLU B 327 -14.62 -0.17 -43.20
CA GLU B 327 -15.14 -1.34 -42.50
C GLU B 327 -15.68 -1.06 -41.08
N ALA B 328 -14.94 -0.34 -40.26
CA ALA B 328 -15.39 -0.01 -38.89
C ALA B 328 -16.65 0.85 -38.90
N VAL B 329 -16.68 1.85 -39.80
CA VAL B 329 -17.88 2.63 -40.03
C VAL B 329 -19.11 1.74 -40.34
N ARG B 330 -18.99 0.81 -41.28
CA ARG B 330 -20.09 -0.09 -41.60
C ARG B 330 -20.55 -0.98 -40.45
N GLU B 331 -19.61 -1.68 -39.81
CA GLU B 331 -19.90 -2.56 -38.69
C GLU B 331 -20.60 -1.78 -37.57
N PHE B 332 -20.08 -0.59 -37.27
CA PHE B 332 -20.67 0.26 -36.23
C PHE B 332 -22.10 0.74 -36.58
N CYS B 333 -22.30 1.24 -37.80
CA CYS B 333 -23.57 1.77 -38.21
C CYS B 333 -24.59 0.63 -38.35
N GLU B 334 -24.18 -0.52 -38.86
CA GLU B 334 -25.09 -1.65 -39.00
C GLU B 334 -25.59 -2.13 -37.62
N MET B 335 -24.69 -2.15 -36.63
CA MET B 335 -25.04 -2.51 -35.26
C MET B 335 -26.21 -1.68 -34.70
N TRP B 336 -26.19 -0.38 -34.98
CA TRP B 336 -27.16 0.57 -34.43
C TRP B 336 -28.25 0.94 -35.42
N HIS B 337 -28.22 0.31 -36.60
CA HIS B 337 -29.15 0.57 -37.69
C HIS B 337 -29.15 1.99 -38.18
N LEU B 338 -27.95 2.51 -38.39
CA LEU B 338 -27.70 3.90 -38.84
C LEU B 338 -27.23 3.89 -40.29
N ASP B 339 -27.51 4.97 -41.01
CA ASP B 339 -27.07 5.12 -42.38
C ASP B 339 -25.61 5.60 -42.37
N PRO B 340 -24.65 4.75 -42.80
CA PRO B 340 -23.22 5.11 -42.78
C PRO B 340 -22.90 6.29 -43.70
N GLU B 341 -23.76 6.49 -44.69
CA GLU B 341 -23.57 7.54 -45.65
C GLU B 341 -24.01 8.91 -45.11
N THR B 342 -24.81 8.95 -44.04
CA THR B 342 -25.39 10.24 -43.60
C THR B 342 -25.41 10.44 -42.08
N GLN B 343 -25.16 9.40 -41.29
CA GLN B 343 -25.07 9.57 -39.84
C GLN B 343 -23.86 10.48 -39.53
N PRO B 344 -24.04 11.48 -38.63
CA PRO B 344 -22.91 12.25 -38.06
C PRO B 344 -21.97 11.36 -37.27
N LEU B 345 -20.70 11.29 -37.68
CA LEU B 345 -19.70 10.45 -37.04
C LEU B 345 -18.45 11.24 -36.69
N ASN B 346 -17.85 10.91 -35.53
CA ASN B 346 -16.46 11.26 -35.23
C ASN B 346 -15.57 10.10 -35.59
N ARG B 347 -14.66 10.33 -36.53
CA ARG B 347 -13.61 9.38 -36.88
C ARG B 347 -12.33 9.85 -36.17
N ILE B 348 -11.82 9.03 -35.25
CA ILE B 348 -10.71 9.40 -34.37
C ILE B 348 -9.58 8.38 -34.58
N ARG B 349 -8.37 8.88 -34.76
CA ARG B 349 -7.19 8.04 -34.58
C ARG B 349 -6.58 8.41 -33.24
N PHE B 350 -6.43 7.44 -32.35
CA PHE B 350 -5.91 7.69 -31.00
C PHE B 350 -4.39 7.63 -31.02
N ARG B 351 -3.80 8.31 -30.06
CA ARG B 351 -2.39 8.08 -29.73
C ARG B 351 -2.38 7.25 -28.45
N VAL B 352 -2.07 5.95 -28.60
CA VAL B 352 -2.02 5.01 -27.48
C VAL B 352 -0.62 4.81 -26.86
N GLY B 353 -0.53 5.08 -25.56
CA GLY B 353 0.68 4.82 -24.79
C GLY B 353 0.91 5.97 -23.82
N ARG B 354 2.17 6.23 -23.50
CA ARG B 354 2.51 7.31 -22.60
C ARG B 354 3.87 7.94 -22.95
N ASN B 355 4.09 9.18 -22.53
CA ASN B 355 5.43 9.77 -22.62
C ASN B 355 6.45 8.97 -21.77
N ARG B 356 7.71 8.96 -22.23
CA ARG B 356 8.79 8.41 -21.43
C ARG B 356 8.74 9.05 -20.02
N ARG B 357 8.61 10.37 -19.96
CA ARG B 357 8.41 11.06 -18.69
C ARG B 357 7.25 12.04 -18.83
N ALA B 358 6.29 12.03 -17.88
CA ALA B 358 5.16 12.97 -17.87
C ALA B 358 5.55 14.42 -17.61
N TRP B 359 6.55 14.63 -16.76
CA TRP B 359 6.99 15.97 -16.38
C TRP B 359 8.50 16.08 -16.64
N VAL B 360 8.87 17.11 -17.40
CA VAL B 360 10.23 17.34 -17.81
C VAL B 360 10.51 18.82 -17.62
N GLY B 361 11.63 19.14 -16.94
CA GLY B 361 12.00 20.52 -16.67
C GLY B 361 10.86 21.18 -15.92
N ASN B 362 10.28 22.22 -16.50
CA ASN B 362 9.17 22.96 -15.86
C ASN B 362 7.84 22.75 -16.60
N CYS B 363 7.75 21.62 -17.30
CA CYS B 363 6.59 21.31 -18.14
C CYS B 363 5.96 19.99 -17.70
N VAL B 364 4.71 20.05 -17.22
CA VAL B 364 4.00 18.86 -16.72
C VAL B 364 2.88 18.54 -17.72
N SER B 365 2.86 17.32 -18.26
CA SER B 365 1.73 16.92 -19.10
C SER B 365 0.61 16.33 -18.24
N ILE B 366 -0.62 16.72 -18.59
CA ILE B 366 -1.85 16.32 -17.96
C ILE B 366 -2.95 15.98 -19.03
N GLY B 367 -3.49 14.76 -19.00
CA GLY B 367 -4.55 14.42 -19.99
C GLY B 367 -3.89 13.59 -21.07
N THR B 368 -4.40 13.66 -22.29
CA THR B 368 -3.93 12.79 -23.36
C THR B 368 -2.56 13.25 -23.94
N SER B 369 -2.13 14.47 -23.58
CA SER B 369 -0.75 14.93 -23.86
C SER B 369 0.25 14.11 -23.06
N SER B 370 -0.22 13.50 -21.98
CA SER B 370 0.60 12.65 -21.11
C SER B 370 0.52 11.17 -21.50
N CYS B 371 -0.72 10.66 -21.60
CA CYS B 371 -0.98 9.26 -21.81
C CYS B 371 -2.41 8.97 -22.25
N PHE B 372 -2.60 7.87 -22.97
CA PHE B 372 -3.96 7.46 -23.35
C PHE B 372 -4.00 5.96 -23.55
N VAL B 373 -5.11 5.39 -23.08
CA VAL B 373 -5.52 4.03 -23.36
C VAL B 373 -7.02 4.08 -23.70
N GLU B 374 -7.47 3.17 -24.58
CA GLU B 374 -8.89 3.03 -24.89
C GLU B 374 -9.74 3.06 -23.60
N PRO B 375 -10.95 3.66 -23.68
CA PRO B 375 -11.85 3.86 -22.51
C PRO B 375 -12.53 2.56 -21.99
N LEU B 376 -11.89 1.40 -22.16
CA LEU B 376 -12.53 0.14 -21.79
C LEU B 376 -12.84 0.02 -20.26
N GLU B 377 -12.02 0.66 -19.43
CA GLU B 377 -12.28 0.66 -17.98
C GLU B 377 -12.49 2.07 -17.39
N SER B 378 -13.00 3.00 -18.20
CA SER B 378 -13.40 4.31 -17.72
C SER B 378 -12.31 5.03 -16.94
N THR B 379 -11.11 5.15 -17.51
CA THR B 379 -9.96 5.71 -16.74
C THR B 379 -9.53 7.11 -17.19
N GLY B 380 -10.05 7.57 -18.32
CA GLY B 380 -9.51 8.80 -18.92
C GLY B 380 -9.60 10.06 -18.06
N ILE B 381 -10.80 10.30 -17.50
CA ILE B 381 -10.97 11.46 -16.60
C ILE B 381 -10.21 11.21 -15.29
N TYR B 382 -10.28 9.99 -14.77
CA TYR B 382 -9.49 9.62 -13.60
C TYR B 382 -7.99 9.95 -13.78
N PHE B 383 -7.41 9.62 -14.93
CA PHE B 383 -5.97 9.93 -15.15
C PHE B 383 -5.66 11.43 -15.02
N VAL B 384 -6.62 12.29 -15.37
CA VAL B 384 -6.45 13.74 -15.18
C VAL B 384 -6.39 14.13 -13.70
N TYR B 385 -7.43 13.85 -12.91
CA TYR B 385 -7.36 14.31 -11.51
C TYR B 385 -6.43 13.48 -10.65
N ALA B 386 -6.15 12.23 -11.01
CA ALA B 386 -5.09 11.47 -10.33
C ALA B 386 -3.74 12.19 -10.49
N ALA B 387 -3.42 12.61 -11.71
CA ALA B 387 -2.14 13.26 -12.00
C ALA B 387 -2.08 14.63 -11.34
N LEU B 388 -3.22 15.33 -11.30
CA LEU B 388 -3.31 16.61 -10.63
C LEU B 388 -3.13 16.47 -9.12
N TYR B 389 -3.75 15.45 -8.52
CA TYR B 389 -3.47 15.15 -7.11
C TYR B 389 -1.97 14.91 -6.90
N GLN B 390 -1.36 14.14 -7.81
CA GLN B 390 0.06 13.82 -7.69
C GLN B 390 0.96 15.04 -7.92
N LEU B 391 0.53 15.95 -8.79
CA LEU B 391 1.26 17.17 -9.03
C LEU B 391 1.34 18.05 -7.79
N VAL B 392 0.18 18.32 -7.18
CA VAL B 392 0.11 19.09 -5.94
C VAL B 392 0.94 18.36 -4.84
N LYS B 393 0.87 17.03 -4.77
CA LYS B 393 1.67 16.24 -3.79
C LYS B 393 3.19 16.50 -4.00
N HIS B 394 3.62 16.54 -5.26
CA HIS B 394 5.03 16.73 -5.60
C HIS B 394 5.33 18.16 -6.06
N PHE B 395 4.54 19.12 -5.58
CA PHE B 395 4.63 20.49 -6.09
C PHE B 395 6.02 21.11 -5.88
N PRO B 396 6.59 21.69 -6.96
CA PRO B 396 7.94 22.27 -6.89
C PRO B 396 7.92 23.71 -6.40
N ASP B 397 9.09 24.24 -6.06
CA ASP B 397 9.27 25.69 -6.12
C ASP B 397 10.11 25.97 -7.38
N LYS B 398 10.65 27.19 -7.55
CA LYS B 398 11.35 27.52 -8.80
C LYS B 398 12.71 26.83 -8.99
N SER B 399 13.28 26.25 -7.92
CA SER B 399 14.49 25.42 -8.07
C SER B 399 14.22 24.07 -8.77
N LEU B 400 12.94 23.71 -8.92
CA LEU B 400 12.50 22.46 -9.57
C LEU B 400 13.34 21.27 -9.06
N ASN B 401 13.20 20.98 -7.77
CA ASN B 401 13.97 19.87 -7.20
C ASN B 401 13.71 18.58 -8.03
N PRO B 402 14.79 17.98 -8.61
CA PRO B 402 14.58 16.85 -9.55
C PRO B 402 13.94 15.59 -8.96
N VAL B 403 13.96 15.47 -7.62
CA VAL B 403 13.40 14.32 -6.91
C VAL B 403 11.89 14.38 -6.97
N LEU B 404 11.34 15.59 -6.87
CA LEU B 404 9.90 15.79 -6.99
C LEU B 404 9.44 15.35 -8.37
N THR B 405 10.12 15.82 -9.41
CA THR B 405 9.79 15.45 -10.79
C THR B 405 9.90 13.93 -11.04
N ALA B 406 10.99 13.32 -10.58
CA ALA B 406 11.22 11.87 -10.75
C ALA B 406 10.15 11.03 -10.05
N ARG B 407 9.80 11.42 -8.81
CA ARG B 407 8.78 10.69 -8.06
C ARG B 407 7.41 10.87 -8.71
N PHE B 408 7.05 12.08 -9.13
CA PHE B 408 5.80 12.29 -9.86
C PHE B 408 5.76 11.37 -11.11
N ASN B 409 6.85 11.37 -11.87
CA ASN B 409 6.94 10.54 -13.08
C ASN B 409 6.76 9.06 -12.78
N ARG B 410 7.33 8.61 -11.65
CA ARG B 410 7.17 7.23 -11.24
C ARG B 410 5.69 6.89 -10.94
N GLU B 411 4.97 7.80 -10.25
CA GLU B 411 3.55 7.58 -9.93
C GLU B 411 2.75 7.53 -11.24
N ILE B 412 3.06 8.41 -12.18
CA ILE B 412 2.35 8.40 -13.47
C ILE B 412 2.66 7.14 -14.30
N GLU B 413 3.94 6.75 -14.41
CA GLU B 413 4.27 5.52 -15.15
C GLU B 413 3.45 4.33 -14.68
N THR B 414 3.39 4.19 -13.35
CA THR B 414 2.77 3.03 -12.75
C THR B 414 1.26 3.09 -12.92
N MET B 415 0.65 4.28 -12.70
CA MET B 415 -0.79 4.45 -12.89
C MET B 415 -1.14 4.01 -14.31
N PHE B 416 -0.37 4.48 -15.30
CA PHE B 416 -0.64 4.13 -16.70
C PHE B 416 -0.32 2.66 -17.01
N ASP B 417 0.90 2.20 -16.71
CA ASP B 417 1.30 0.83 -17.04
C ASP B 417 0.42 -0.25 -16.39
N ASP B 418 0.01 -0.05 -15.12
CA ASP B 418 -0.94 -0.98 -14.52
C ASP B 418 -2.31 -1.05 -15.23
N THR B 419 -2.82 0.10 -15.68
CA THR B 419 -4.03 0.17 -16.50
C THR B 419 -3.81 -0.47 -17.88
N ARG B 420 -2.70 -0.14 -18.54
CA ARG B 420 -2.39 -0.79 -19.82
C ARG B 420 -2.46 -2.34 -19.69
N ASP B 421 -1.83 -2.86 -18.63
CA ASP B 421 -1.78 -4.31 -18.37
C ASP B 421 -3.17 -4.89 -18.13
N PHE B 422 -3.97 -4.21 -17.32
CA PHE B 422 -5.29 -4.68 -17.00
C PHE B 422 -6.16 -4.75 -18.28
N ILE B 423 -6.09 -3.67 -19.06
CA ILE B 423 -6.82 -3.61 -20.32
C ILE B 423 -6.38 -4.68 -21.31
N GLN B 424 -5.06 -4.88 -21.48
CA GLN B 424 -4.58 -5.96 -22.32
C GLN B 424 -5.20 -7.32 -21.94
N ALA B 425 -5.30 -7.59 -20.63
CA ALA B 425 -5.87 -8.84 -20.13
C ALA B 425 -7.33 -9.09 -20.58
N HIS B 426 -8.12 -8.05 -20.87
CA HIS B 426 -9.50 -8.21 -21.40
C HIS B 426 -9.52 -8.92 -22.75
N PHE B 427 -8.51 -8.63 -23.58
CA PHE B 427 -8.40 -9.21 -24.93
C PHE B 427 -7.62 -10.54 -24.93
N TYR B 428 -6.53 -10.58 -24.20
CA TYR B 428 -5.65 -11.73 -24.12
C TYR B 428 -6.38 -12.94 -23.57
N PHE B 429 -7.23 -12.74 -22.57
CA PHE B 429 -7.96 -13.85 -21.96
C PHE B 429 -9.39 -14.04 -22.46
N SER B 430 -9.83 -13.24 -23.44
CA SER B 430 -11.08 -13.61 -24.14
C SER B 430 -10.90 -15.00 -24.76
N PRO B 431 -11.94 -15.90 -24.68
CA PRO B 431 -11.82 -17.20 -25.38
C PRO B 431 -12.02 -17.16 -26.91
N ARG B 432 -12.32 -15.98 -27.46
CA ARG B 432 -12.65 -15.83 -28.88
C ARG B 432 -11.46 -16.07 -29.81
N THR B 433 -11.72 -16.75 -30.91
CA THR B 433 -10.71 -17.11 -31.91
C THR B 433 -11.31 -16.93 -33.31
N ASP B 434 -12.44 -16.23 -33.39
CA ASP B 434 -13.24 -16.22 -34.60
C ASP B 434 -12.80 -15.20 -35.66
N THR B 435 -12.06 -14.16 -35.26
CA THR B 435 -11.57 -13.17 -36.26
C THR B 435 -10.05 -13.02 -36.13
N PRO B 436 -9.39 -12.51 -37.19
CA PRO B 436 -7.95 -12.22 -37.06
C PRO B 436 -7.58 -11.40 -35.82
N PHE B 437 -8.40 -10.39 -35.47
CA PHE B 437 -8.19 -9.55 -34.27
C PHE B 437 -8.11 -10.32 -32.95
N TRP B 438 -9.14 -11.15 -32.66
CA TRP B 438 -9.18 -11.92 -31.38
C TRP B 438 -8.01 -12.88 -31.31
N ARG B 439 -7.62 -13.45 -32.45
CA ARG B 439 -6.51 -14.39 -32.47
C ARG B 439 -5.15 -13.68 -32.27
N ALA B 440 -5.00 -12.47 -32.84
CA ALA B 440 -3.76 -11.74 -32.84
C ALA B 440 -3.45 -11.27 -31.42
N ASN B 441 -4.50 -10.93 -30.66
CA ASN B 441 -4.36 -10.60 -29.26
C ASN B 441 -3.71 -11.68 -28.42
N LYS B 442 -3.93 -12.96 -28.76
CA LYS B 442 -3.30 -14.05 -28.01
C LYS B 442 -1.82 -14.22 -28.36
N GLU B 443 -1.40 -13.62 -29.47
CA GLU B 443 -0.02 -13.73 -29.90
C GLU B 443 0.87 -12.61 -29.32
N LEU B 444 0.26 -11.58 -28.73
CA LEU B 444 1.00 -10.57 -27.97
C LEU B 444 1.48 -11.14 -26.62
N ARG B 445 2.55 -10.57 -26.08
CA ARG B 445 3.00 -10.87 -24.71
C ARG B 445 2.42 -9.92 -23.67
N LEU B 446 2.06 -10.47 -22.51
CA LEU B 446 1.81 -9.68 -21.30
C LEU B 446 3.12 -9.12 -20.75
N ALA B 447 3.08 -7.92 -20.15
CA ALA B 447 4.27 -7.41 -19.49
C ALA B 447 4.62 -8.33 -18.32
N ASP B 448 5.89 -8.36 -17.93
CA ASP B 448 6.37 -9.16 -16.83
C ASP B 448 5.56 -9.03 -15.53
N GLY B 449 5.26 -7.80 -15.13
CA GLY B 449 4.51 -7.51 -13.91
C GLY B 449 3.09 -8.07 -13.99
N MET B 450 2.51 -8.01 -15.18
CA MET B 450 1.18 -8.64 -15.42
C MET B 450 1.21 -10.17 -15.42
N GLN B 451 2.16 -10.77 -16.13
CA GLN B 451 2.34 -12.21 -16.08
C GLN B 451 2.52 -12.71 -14.64
N GLU B 452 3.29 -11.97 -13.82
CA GLU B 452 3.43 -12.31 -12.41
C GLU B 452 2.08 -12.31 -11.67
N LYS B 453 1.26 -11.30 -11.91
CA LYS B 453 -0.11 -11.28 -11.35
C LYS B 453 -0.94 -12.48 -11.80
N ILE B 454 -0.86 -12.83 -13.08
CA ILE B 454 -1.57 -13.99 -13.60
C ILE B 454 -1.08 -15.29 -12.96
N ASP B 455 0.23 -15.43 -12.76
CA ASP B 455 0.84 -16.57 -12.08
C ASP B 455 0.28 -16.76 -10.66
N MET B 456 0.19 -15.63 -9.94
CA MET B 456 -0.39 -15.53 -8.60
C MET B 456 -1.86 -15.93 -8.61
N TYR B 457 -2.59 -15.37 -9.56
CA TYR B 457 -3.99 -15.68 -9.71
C TYR B 457 -4.23 -17.18 -10.00
N ARG B 458 -3.48 -17.75 -10.93
CA ARG B 458 -3.59 -19.18 -11.20
C ARG B 458 -3.20 -20.03 -10.01
N ALA B 459 -2.33 -19.51 -9.15
CA ALA B 459 -1.93 -20.22 -7.91
C ALA B 459 -2.97 -20.06 -6.80
N GLY B 460 -4.06 -19.35 -7.08
CA GLY B 460 -5.15 -19.19 -6.13
C GLY B 460 -5.00 -18.01 -5.19
N MET B 461 -4.00 -17.16 -5.44
CA MET B 461 -3.76 -15.97 -4.64
C MET B 461 -4.66 -14.79 -5.07
N ALA B 462 -4.98 -13.91 -4.11
CA ALA B 462 -5.48 -12.59 -4.37
C ALA B 462 -4.43 -11.79 -5.15
N ILE B 463 -4.88 -10.92 -6.05
CA ILE B 463 -4.01 -9.98 -6.70
C ILE B 463 -4.38 -8.62 -6.09
N ASN B 464 -3.47 -7.96 -5.38
CA ASN B 464 -3.79 -6.62 -4.85
C ASN B 464 -5.08 -6.58 -4.01
N ALA B 465 -5.20 -7.54 -3.10
CA ALA B 465 -6.29 -7.56 -2.16
C ALA B 465 -6.36 -6.18 -1.48
N PRO B 466 -7.58 -5.63 -1.34
CA PRO B 466 -7.67 -4.38 -0.59
C PRO B 466 -7.26 -4.60 0.88
N ALA B 467 -6.66 -3.61 1.51
CA ALA B 467 -6.27 -3.75 2.90
C ALA B 467 -7.50 -4.00 3.80
N SER B 468 -8.63 -3.44 3.34
CA SER B 468 -9.90 -3.50 4.05
C SER B 468 -11.00 -3.72 3.01
N ASP B 469 -12.09 -4.37 3.40
CA ASP B 469 -13.23 -4.54 2.50
C ASP B 469 -14.27 -3.43 2.65
N ASP B 470 -13.92 -2.39 3.40
CA ASP B 470 -14.77 -1.23 3.64
C ASP B 470 -14.63 -0.23 2.47
N ALA B 471 -15.68 -0.17 1.63
CA ALA B 471 -15.66 0.62 0.40
C ALA B 471 -15.67 2.13 0.69
N GLN B 472 -16.28 2.51 1.82
CA GLN B 472 -16.23 3.91 2.27
C GLN B 472 -14.81 4.39 2.57
N LEU B 473 -14.01 3.59 3.26
CA LEU B 473 -12.62 3.98 3.50
C LEU B 473 -11.88 4.04 2.16
N TYR B 474 -12.13 3.06 1.29
CA TYR B 474 -11.49 2.99 -0.04
C TYR B 474 -11.80 4.20 -0.95
N TYR B 475 -13.10 4.43 -1.23
CA TYR B 475 -13.54 5.52 -2.13
C TYR B 475 -13.52 6.89 -1.46
N GLY B 476 -13.36 6.91 -0.14
CA GLY B 476 -13.31 8.16 0.60
C GLY B 476 -11.91 8.63 0.92
N ASN B 477 -10.89 7.88 0.47
CA ASN B 477 -9.48 8.18 0.76
C ASN B 477 -8.61 7.94 -0.46
N PHE B 478 -8.29 9.01 -1.17
CA PHE B 478 -7.62 8.87 -2.45
C PHE B 478 -6.27 8.14 -2.36
N GLU B 479 -5.49 8.38 -1.30
CA GLU B 479 -4.20 7.68 -1.10
C GLU B 479 -4.42 6.19 -1.00
N GLU B 480 -5.38 5.78 -0.17
CA GLU B 480 -5.75 4.38 -0.02
C GLU B 480 -6.10 3.77 -1.39
N GLU B 481 -6.91 4.47 -2.19
CA GLU B 481 -7.34 3.93 -3.47
C GLU B 481 -6.24 3.96 -4.50
N PHE B 482 -5.47 5.03 -4.56
CA PHE B 482 -4.44 5.18 -5.56
C PHE B 482 -3.34 4.09 -5.43
N ARG B 483 -2.97 3.74 -4.19
CA ARG B 483 -2.03 2.65 -3.87
C ARG B 483 -2.57 1.26 -4.20
N ASN B 484 -3.89 1.14 -4.41
CA ASN B 484 -4.51 -0.14 -4.57
C ASN B 484 -5.61 -0.02 -5.62
N PHE B 485 -5.26 0.64 -6.73
CA PHE B 485 -6.28 1.06 -7.69
C PHE B 485 -7.01 -0.08 -8.41
N TRP B 486 -6.24 -1.04 -8.95
CA TRP B 486 -6.78 -2.27 -9.48
C TRP B 486 -6.57 -3.31 -8.39
N ASN B 487 -7.67 -3.71 -7.75
CA ASN B 487 -7.61 -4.59 -6.59
C ASN B 487 -8.16 -5.96 -6.96
N ASN B 488 -7.99 -6.92 -6.06
CA ASN B 488 -8.46 -8.28 -6.26
C ASN B 488 -9.89 -8.41 -6.81
N SER B 489 -10.82 -7.59 -6.32
CA SER B 489 -12.21 -7.55 -6.83
C SER B 489 -12.29 -7.30 -8.34
N ASN B 490 -11.56 -6.29 -8.80
CA ASN B 490 -11.47 -5.90 -10.22
C ASN B 490 -10.85 -7.00 -11.08
N TYR B 491 -9.71 -7.53 -10.62
CA TYR B 491 -9.14 -8.70 -11.32
C TYR B 491 -10.07 -9.90 -11.47
N TYR B 492 -10.74 -10.34 -10.39
CA TYR B 492 -11.73 -11.41 -10.50
C TYR B 492 -12.94 -11.08 -11.41
N CYS B 493 -13.50 -9.86 -11.33
CA CYS B 493 -14.62 -9.51 -12.22
C CYS B 493 -14.23 -9.76 -13.65
N VAL B 494 -13.05 -9.29 -14.02
CA VAL B 494 -12.63 -9.37 -15.40
C VAL B 494 -12.08 -10.76 -15.78
N LEU B 495 -11.13 -11.28 -15.01
CA LEU B 495 -10.55 -12.57 -15.39
C LEU B 495 -11.58 -13.70 -15.33
N ALA B 496 -12.27 -13.81 -14.20
CA ALA B 496 -13.25 -14.85 -14.03
C ALA B 496 -14.44 -14.62 -14.98
N GLY B 497 -14.80 -13.35 -15.23
CA GLY B 497 -15.84 -13.04 -16.19
C GLY B 497 -15.51 -13.64 -17.55
N LEU B 498 -14.27 -13.45 -17.98
CA LEU B 498 -13.85 -13.96 -19.29
C LEU B 498 -13.67 -15.48 -19.26
N GLY B 499 -13.54 -16.06 -18.05
CA GLY B 499 -13.38 -17.49 -17.90
C GLY B 499 -12.01 -17.96 -17.45
N LEU B 500 -11.05 -17.06 -17.24
CA LEU B 500 -9.78 -17.48 -16.62
C LEU B 500 -10.02 -17.64 -15.11
N VAL B 501 -9.83 -18.85 -14.61
CA VAL B 501 -9.96 -19.17 -13.18
C VAL B 501 -8.65 -19.82 -12.67
N PRO B 502 -8.43 -19.85 -11.32
CA PRO B 502 -7.20 -20.52 -10.85
C PRO B 502 -7.12 -22.00 -11.29
N ASP B 503 -5.91 -22.57 -11.26
CA ASP B 503 -5.72 -23.99 -11.58
C ASP B 503 -6.37 -24.88 -10.52
N ALA B 504 -6.37 -24.40 -9.29
CA ALA B 504 -6.94 -25.10 -8.14
C ALA B 504 -7.29 -24.09 -7.04
N PRO B 505 -8.19 -24.47 -6.11
CA PRO B 505 -8.53 -23.56 -5.01
C PRO B 505 -7.32 -23.23 -4.15
N SER B 506 -7.37 -22.08 -3.49
CA SER B 506 -6.37 -21.73 -2.51
C SER B 506 -6.15 -22.92 -1.55
N PRO B 507 -4.90 -23.43 -1.44
CA PRO B 507 -4.58 -24.61 -0.60
C PRO B 507 -4.91 -24.38 0.90
N ARG B 508 -4.98 -23.12 1.26
CA ARG B 508 -5.31 -22.64 2.58
C ARG B 508 -6.69 -23.14 3.03
N LEU B 509 -7.64 -23.11 2.10
CA LEU B 509 -9.04 -23.38 2.41
C LEU B 509 -9.34 -24.79 2.94
N ALA B 510 -8.60 -25.80 2.49
CA ALA B 510 -8.70 -27.18 3.00
C ALA B 510 -8.35 -27.27 4.49
N HIS B 511 -7.66 -26.26 5.01
CA HIS B 511 -7.29 -26.20 6.43
C HIS B 511 -8.27 -25.35 7.23
N MET B 512 -9.35 -24.94 6.57
CA MET B 512 -10.34 -24.02 7.13
C MET B 512 -11.79 -24.53 6.99
N PRO B 513 -12.08 -25.76 7.50
CA PRO B 513 -13.41 -26.30 7.26
C PRO B 513 -14.55 -25.51 7.94
N GLN B 514 -14.29 -24.90 9.09
CA GLN B 514 -15.27 -24.02 9.72
C GLN B 514 -15.61 -22.78 8.85
N ALA B 515 -14.60 -22.17 8.25
CA ALA B 515 -14.78 -21.00 7.38
C ALA B 515 -15.48 -21.32 6.05
N THR B 516 -15.19 -22.46 5.45
CA THR B 516 -15.84 -22.85 4.21
C THR B 516 -17.30 -23.32 4.47
N GLU B 517 -17.60 -23.73 5.71
CA GLU B 517 -18.98 -23.95 6.15
C GLU B 517 -19.74 -22.65 6.38
N SER B 518 -19.16 -21.74 7.15
CA SER B 518 -19.83 -20.52 7.56
C SER B 518 -19.96 -19.42 6.46
N VAL B 519 -19.22 -19.57 5.36
CA VAL B 519 -19.27 -18.61 4.23
C VAL B 519 -20.61 -18.70 3.52
N ASP B 520 -21.35 -19.77 3.76
CA ASP B 520 -22.70 -19.89 3.21
C ASP B 520 -23.64 -18.74 3.60
N GLU B 521 -23.53 -18.25 4.84
CA GLU B 521 -24.28 -17.08 5.29
C GLU B 521 -23.87 -15.81 4.52
N VAL B 522 -22.60 -15.71 4.16
CA VAL B 522 -22.14 -14.59 3.35
C VAL B 522 -22.77 -14.61 1.95
N PHE B 523 -22.80 -15.78 1.31
CA PHE B 523 -23.46 -15.93 -0.02
C PHE B 523 -24.97 -15.73 0.06
N GLY B 524 -25.55 -16.24 1.13
CA GLY B 524 -26.98 -16.08 1.41
C GLY B 524 -27.39 -14.63 1.63
N ALA B 525 -26.50 -13.84 2.26
CA ALA B 525 -26.76 -12.41 2.46
C ALA B 525 -26.70 -11.63 1.14
N VAL B 526 -25.75 -11.96 0.25
CA VAL B 526 -25.76 -11.41 -1.11
C VAL B 526 -27.11 -11.68 -1.80
N LYS B 527 -27.60 -12.92 -1.70
CA LYS B 527 -28.85 -13.38 -2.32
C LYS B 527 -30.06 -12.62 -1.77
N ASP B 528 -30.08 -12.37 -0.45
CA ASP B 528 -31.13 -11.57 0.21
C ASP B 528 -31.14 -10.14 -0.28
N ARG B 529 -29.95 -9.51 -0.38
CA ARG B 529 -29.83 -8.15 -0.88
C ARG B 529 -30.26 -8.08 -2.33
N GLN B 530 -29.86 -9.09 -3.12
CA GLN B 530 -30.29 -9.18 -4.52
C GLN B 530 -31.83 -9.14 -4.63
N ARG B 531 -32.50 -10.03 -3.88
CA ARG B 531 -33.97 -10.10 -3.88
C ARG B 531 -34.69 -8.85 -3.36
N ASN B 532 -34.26 -8.35 -2.20
CA ASN B 532 -34.85 -7.18 -1.56
C ASN B 532 -34.71 -5.89 -2.35
N LEU B 533 -33.52 -5.65 -2.90
CA LEU B 533 -33.29 -4.47 -3.73
C LEU B 533 -34.03 -4.55 -5.07
N LEU B 534 -34.03 -5.74 -5.68
CA LEU B 534 -34.83 -5.98 -6.89
C LEU B 534 -36.32 -5.68 -6.65
N GLU B 535 -36.86 -6.08 -5.50
CA GLU B 535 -38.26 -5.81 -5.15
C GLU B 535 -38.57 -4.37 -4.73
N THR B 536 -37.62 -3.66 -4.13
CA THR B 536 -37.95 -2.33 -3.57
C THR B 536 -37.39 -1.10 -4.34
N LEU B 537 -36.39 -1.32 -5.20
CA LEU B 537 -35.77 -0.18 -5.90
C LEU B 537 -36.61 0.35 -7.07
N PRO B 538 -36.64 1.70 -7.25
CA PRO B 538 -37.30 2.23 -8.43
C PRO B 538 -36.39 2.01 -9.65
N SER B 539 -36.90 2.19 -10.87
CA SER B 539 -36.01 2.16 -12.03
C SER B 539 -35.06 3.38 -12.02
N LEU B 540 -33.92 3.26 -12.71
CA LEU B 540 -33.03 4.41 -12.91
C LEU B 540 -33.80 5.57 -13.51
N HIS B 541 -34.60 5.28 -14.53
CA HIS B 541 -35.38 6.31 -15.18
C HIS B 541 -36.37 7.03 -14.24
N GLU B 542 -37.06 6.29 -13.37
CA GLU B 542 -37.95 6.90 -12.39
C GLU B 542 -37.18 7.83 -11.44
N PHE B 543 -36.02 7.40 -10.97
CA PHE B 543 -35.22 8.28 -10.11
C PHE B 543 -34.70 9.54 -10.83
N LEU B 544 -34.27 9.38 -12.08
CA LEU B 544 -33.76 10.50 -12.86
C LEU B 544 -34.82 11.59 -13.11
N ARG B 545 -36.06 11.19 -13.36
CA ARG B 545 -37.15 12.14 -13.56
C ARG B 545 -37.26 13.08 -12.35
N GLN B 546 -37.24 12.47 -11.17
CA GLN B 546 -37.24 13.19 -9.90
C GLN B 546 -35.96 14.05 -9.75
N GLN B 547 -34.78 13.43 -9.92
CA GLN B 547 -33.46 14.09 -9.75
C GLN B 547 -33.23 15.33 -10.66
N HIS B 548 -33.46 15.17 -11.97
CA HIS B 548 -33.29 16.28 -12.93
C HIS B 548 -34.56 17.09 -13.12
#